data_2GYT
#
_entry.id   2GYT
#
_entity_poly.entity_id   1
_entity_poly.type   'polypeptide(L)'
_entity_poly.pdbx_seq_one_letter_code
;MCRKKPDTMILTQIEAKEACDWLRATGFPQYAQLYEDFLFPIDISLVKREHDFLDRDAIEALCRRLNTLNKCAVMK
;
_entity_poly.pdbx_strand_id   A
#
# COMPACT_ATOMS: atom_id res chain seq x y z
N MET A 1 -12.51 3.16 23.02
CA MET A 1 -11.09 3.51 22.73
C MET A 1 -10.90 4.97 22.28
N CYS A 2 -11.63 5.93 22.87
CA CYS A 2 -11.41 7.36 22.62
C CYS A 2 -10.08 7.84 23.24
N ARG A 3 -9.19 8.42 22.42
CA ARG A 3 -7.92 9.05 22.86
C ARG A 3 -7.28 9.89 21.75
N LYS A 4 -7.03 9.25 20.60
CA LYS A 4 -6.52 9.90 19.37
C LYS A 4 -7.62 10.68 18.64
N LYS A 5 -7.19 11.54 17.70
CA LYS A 5 -8.08 12.41 16.90
C LYS A 5 -9.13 11.56 16.15
N PRO A 6 -10.43 11.95 16.11
CA PRO A 6 -11.51 11.19 15.47
C PRO A 6 -11.50 11.27 13.92
N ASP A 7 -10.31 11.10 13.32
CA ASP A 7 -10.07 11.04 11.88
C ASP A 7 -8.80 10.24 11.55
N THR A 8 -7.67 10.48 12.24
CA THR A 8 -6.38 9.80 12.00
C THR A 8 -6.44 8.27 12.18
N MET A 9 -7.23 7.80 13.15
CA MET A 9 -7.54 6.38 13.38
C MET A 9 -8.17 5.71 12.16
N ILE A 10 -8.97 6.46 11.39
CA ILE A 10 -9.59 6.01 10.14
C ILE A 10 -8.68 6.29 8.96
N LEU A 11 -7.90 7.38 8.93
CA LEU A 11 -6.95 7.69 7.85
C LEU A 11 -6.01 6.50 7.56
N THR A 12 -5.52 5.84 8.61
CA THR A 12 -4.74 4.57 8.49
C THR A 12 -5.53 3.40 7.88
N GLN A 13 -6.85 3.31 8.07
CA GLN A 13 -7.72 2.30 7.43
C GLN A 13 -8.14 2.67 6.00
N ILE A 14 -8.49 3.94 5.71
CA ILE A 14 -8.65 4.38 4.31
C ILE A 14 -7.31 4.23 3.57
N GLU A 15 -6.14 4.41 4.19
CA GLU A 15 -4.86 4.09 3.54
C GLU A 15 -4.73 2.61 3.09
N ALA A 16 -5.52 1.68 3.61
CA ALA A 16 -5.67 0.34 3.05
C ALA A 16 -6.80 0.26 1.99
N LYS A 17 -7.99 0.83 2.25
CA LYS A 17 -9.13 0.77 1.32
C LYS A 17 -8.87 1.56 0.03
N GLU A 18 -8.30 2.76 0.14
CA GLU A 18 -7.85 3.55 -0.99
C GLU A 18 -6.69 2.88 -1.71
N ALA A 19 -5.82 2.13 -1.03
CA ALA A 19 -4.83 1.34 -1.73
C ALA A 19 -5.51 0.24 -2.55
N CYS A 20 -6.53 -0.45 -2.02
CA CYS A 20 -7.32 -1.39 -2.82
C CYS A 20 -7.94 -0.72 -4.06
N ASP A 21 -8.64 0.40 -3.89
CA ASP A 21 -9.27 1.14 -5.00
C ASP A 21 -8.25 1.75 -5.98
N TRP A 22 -7.14 2.31 -5.48
CA TRP A 22 -6.04 2.90 -6.25
C TRP A 22 -5.29 1.84 -7.04
N LEU A 23 -4.80 0.78 -6.38
CA LEU A 23 -4.07 -0.31 -7.03
C LEU A 23 -4.94 -0.96 -8.11
N ARG A 24 -6.22 -1.24 -7.81
CA ARG A 24 -7.21 -1.74 -8.78
C ARG A 24 -7.46 -0.79 -9.96
N ALA A 25 -7.68 0.50 -9.72
CA ALA A 25 -7.92 1.50 -10.78
C ALA A 25 -6.66 1.81 -11.62
N THR A 26 -5.47 1.76 -11.01
CA THR A 26 -4.17 1.97 -11.67
C THR A 26 -3.78 0.80 -12.57
N GLY A 27 -3.86 -0.45 -12.08
CA GLY A 27 -3.55 -1.64 -12.90
C GLY A 27 -3.03 -2.88 -12.15
N PHE A 28 -3.18 -2.96 -10.82
CA PHE A 28 -2.53 -3.94 -9.94
C PHE A 28 -3.43 -4.48 -8.80
N PRO A 29 -4.62 -5.07 -9.10
CA PRO A 29 -5.52 -5.58 -8.06
C PRO A 29 -4.90 -6.67 -7.15
N GLN A 30 -3.82 -7.32 -7.58
CA GLN A 30 -3.02 -8.28 -6.80
C GLN A 30 -2.30 -7.67 -5.59
N TYR A 31 -1.72 -6.46 -5.69
CA TYR A 31 -0.98 -5.86 -4.57
C TYR A 31 -1.88 -5.53 -3.38
N ALA A 32 -3.10 -5.09 -3.66
CA ALA A 32 -4.14 -4.93 -2.66
C ALA A 32 -4.47 -6.27 -1.99
N GLN A 33 -4.67 -7.32 -2.79
CA GLN A 33 -4.95 -8.68 -2.31
C GLN A 33 -3.84 -9.21 -1.39
N LEU A 34 -2.57 -8.95 -1.70
CA LEU A 34 -1.41 -9.36 -0.89
C LEU A 34 -1.39 -8.73 0.51
N TYR A 35 -1.81 -7.46 0.65
CA TYR A 35 -1.98 -6.84 1.97
C TYR A 35 -3.28 -7.28 2.66
N GLU A 36 -4.38 -7.34 1.93
CA GLU A 36 -5.68 -7.81 2.45
C GLU A 36 -5.64 -9.28 2.90
N ASP A 37 -4.65 -10.06 2.46
CA ASP A 37 -4.33 -11.41 2.94
C ASP A 37 -3.88 -11.41 4.42
N PHE A 38 -2.80 -10.70 4.76
CA PHE A 38 -2.21 -10.68 6.12
C PHE A 38 -1.20 -9.53 6.39
N LEU A 39 -1.37 -8.39 5.73
CA LEU A 39 -0.45 -7.24 5.74
C LEU A 39 1.01 -7.67 5.46
N PHE A 40 1.36 -7.87 4.18
CA PHE A 40 2.67 -8.35 3.72
C PHE A 40 3.79 -7.27 3.73
N PRO A 41 4.90 -7.43 4.48
CA PRO A 41 5.97 -6.42 4.57
C PRO A 41 7.09 -6.66 3.53
N ILE A 42 6.85 -6.33 2.25
CA ILE A 42 7.86 -6.47 1.19
C ILE A 42 8.79 -5.24 1.15
N ASP A 43 9.93 -5.39 0.49
CA ASP A 43 10.81 -4.27 0.15
C ASP A 43 10.40 -3.68 -1.22
N ILE A 44 10.22 -2.36 -1.30
CA ILE A 44 10.02 -1.67 -2.58
C ILE A 44 11.15 -1.95 -3.57
N SER A 45 12.40 -2.10 -3.11
CA SER A 45 13.52 -2.49 -3.97
C SER A 45 13.40 -3.91 -4.58
N LEU A 46 12.48 -4.77 -4.09
CA LEU A 46 12.13 -6.04 -4.75
C LEU A 46 11.12 -5.81 -5.87
N VAL A 47 9.97 -5.18 -5.58
CA VAL A 47 8.91 -4.96 -6.59
C VAL A 47 9.32 -3.97 -7.67
N LYS A 48 10.15 -2.96 -7.34
CA LYS A 48 10.81 -2.05 -8.30
C LYS A 48 11.64 -2.83 -9.32
N ARG A 49 12.41 -3.82 -8.88
CA ARG A 49 13.26 -4.65 -9.75
C ARG A 49 12.43 -5.53 -10.69
N GLU A 50 11.34 -6.10 -10.19
CA GLU A 50 10.40 -6.92 -10.98
C GLU A 50 9.53 -6.11 -11.96
N HIS A 51 9.17 -4.87 -11.60
CA HIS A 51 8.39 -3.93 -12.42
C HIS A 51 9.25 -2.80 -13.02
N ASP A 52 10.54 -3.06 -13.24
CA ASP A 52 11.49 -2.19 -13.94
C ASP A 52 11.06 -1.84 -15.40
N PHE A 53 10.12 -2.58 -15.96
CA PHE A 53 9.37 -2.22 -17.17
C PHE A 53 8.71 -0.82 -17.08
N LEU A 54 8.13 -0.49 -15.93
CA LEU A 54 7.46 0.79 -15.68
C LEU A 54 8.50 1.91 -15.42
N ASP A 55 8.07 3.17 -15.53
CA ASP A 55 8.91 4.33 -15.19
C ASP A 55 9.16 4.42 -13.67
N ARG A 56 10.22 5.15 -13.27
CA ARG A 56 10.44 5.59 -11.88
C ARG A 56 9.24 6.35 -11.28
N ASP A 57 8.50 7.11 -12.10
CA ASP A 57 7.26 7.79 -11.69
C ASP A 57 6.14 6.80 -11.35
N ALA A 58 5.92 5.80 -12.21
CA ALA A 58 4.97 4.72 -11.94
C ALA A 58 5.37 3.92 -10.70
N ILE A 59 6.67 3.63 -10.51
CA ILE A 59 7.16 2.97 -9.30
C ILE A 59 7.04 3.85 -8.06
N GLU A 60 7.26 5.17 -8.12
CA GLU A 60 7.05 6.06 -6.97
C GLU A 60 5.57 6.19 -6.59
N ALA A 61 4.68 6.22 -7.57
CA ALA A 61 3.23 6.23 -7.36
C ALA A 61 2.73 4.90 -6.77
N LEU A 62 3.16 3.77 -7.33
CA LEU A 62 2.90 2.43 -6.80
C LEU A 62 3.52 2.24 -5.41
N CYS A 63 4.77 2.66 -5.23
CA CYS A 63 5.47 2.74 -3.95
C CYS A 63 4.69 3.55 -2.94
N ARG A 64 3.97 4.62 -3.30
CA ARG A 64 3.17 5.36 -2.32
C ARG A 64 2.13 4.46 -1.64
N ARG A 65 1.43 3.60 -2.40
CA ARG A 65 0.48 2.63 -1.85
C ARG A 65 1.19 1.42 -1.26
N LEU A 66 2.10 0.77 -1.98
CA LEU A 66 2.86 -0.37 -1.47
C LEU A 66 3.65 -0.03 -0.21
N ASN A 67 4.41 1.07 -0.13
CA ASN A 67 5.07 1.52 1.10
C ASN A 67 4.06 1.70 2.24
N THR A 68 2.92 2.36 2.00
CA THR A 68 1.84 2.48 3.00
C THR A 68 1.35 1.12 3.50
N LEU A 69 1.18 0.15 2.60
CA LEU A 69 0.78 -1.23 2.94
C LEU A 69 1.92 -1.98 3.66
N ASN A 70 3.13 -1.99 3.12
CA ASN A 70 4.36 -2.58 3.68
C ASN A 70 4.73 -1.96 5.06
N LYS A 71 4.35 -0.71 5.30
CA LYS A 71 4.51 0.03 6.56
C LYS A 71 3.55 -0.50 7.64
N CYS A 72 2.25 -0.53 7.37
CA CYS A 72 1.29 -1.15 8.29
C CYS A 72 1.53 -2.67 8.44
N ALA A 73 2.14 -3.31 7.44
CA ALA A 73 2.59 -4.69 7.50
C ALA A 73 3.70 -4.97 8.52
N VAL A 74 4.71 -4.07 8.67
CA VAL A 74 5.69 -4.17 9.78
C VAL A 74 5.15 -3.59 11.10
N MET A 75 4.15 -2.70 11.06
CA MET A 75 3.61 -1.98 12.23
C MET A 75 2.19 -2.42 12.66
N LYS A 76 1.82 -3.67 12.40
CA LYS A 76 0.55 -4.37 12.76
C LYS A 76 -0.72 -3.87 12.04
N MET A 1 -3.52 4.68 24.85
CA MET A 1 -2.42 5.53 24.32
C MET A 1 -3.04 6.71 23.53
N CYS A 2 -3.29 7.84 24.21
CA CYS A 2 -4.21 8.92 23.76
C CYS A 2 -5.63 8.43 23.40
N ARG A 3 -6.51 9.39 23.04
CA ARG A 3 -7.87 9.15 22.51
C ARG A 3 -7.84 8.94 20.99
N LYS A 4 -8.88 8.26 20.49
CA LYS A 4 -9.11 7.96 19.06
C LYS A 4 -9.88 9.10 18.36
N LYS A 5 -9.15 10.03 17.75
CA LYS A 5 -9.74 11.16 16.99
C LYS A 5 -10.64 10.66 15.83
N PRO A 6 -11.91 11.11 15.72
CA PRO A 6 -12.92 10.60 14.78
C PRO A 6 -12.72 11.08 13.32
N ASP A 7 -11.48 11.07 12.84
CA ASP A 7 -11.11 11.33 11.44
C ASP A 7 -9.81 10.60 11.08
N THR A 8 -8.70 10.90 11.75
CA THR A 8 -7.37 10.30 11.48
C THR A 8 -7.32 8.78 11.69
N MET A 9 -8.04 8.29 12.71
CA MET A 9 -8.19 6.85 13.00
C MET A 9 -8.90 6.08 11.88
N ILE A 10 -9.73 6.77 11.09
CA ILE A 10 -10.41 6.24 9.90
C ILE A 10 -9.57 6.52 8.65
N LEU A 11 -8.88 7.66 8.54
CA LEU A 11 -7.96 7.99 7.44
C LEU A 11 -6.91 6.87 7.21
N THR A 12 -6.34 6.32 8.27
CA THR A 12 -5.48 5.12 8.23
C THR A 12 -6.20 3.86 7.68
N GLN A 13 -7.50 3.69 7.95
CA GLN A 13 -8.33 2.60 7.40
C GLN A 13 -8.68 2.83 5.91
N ILE A 14 -9.11 4.05 5.51
CA ILE A 14 -9.36 4.34 4.09
C ILE A 14 -8.06 4.21 3.31
N GLU A 15 -6.89 4.57 3.84
CA GLU A 15 -5.61 4.30 3.17
C GLU A 15 -5.35 2.81 2.83
N ALA A 16 -6.01 1.84 3.47
CA ALA A 16 -6.04 0.44 3.04
C ALA A 16 -7.06 0.16 1.92
N LYS A 17 -8.29 0.70 2.00
CA LYS A 17 -9.34 0.48 0.97
C LYS A 17 -9.09 1.28 -0.32
N GLU A 18 -8.62 2.52 -0.18
CA GLU A 18 -8.11 3.36 -1.27
C GLU A 18 -6.86 2.75 -1.88
N ALA A 19 -6.02 2.00 -1.14
CA ALA A 19 -5.01 1.20 -1.82
C ALA A 19 -5.65 0.11 -2.71
N CYS A 20 -6.74 -0.54 -2.29
CA CYS A 20 -7.46 -1.45 -3.18
C CYS A 20 -8.03 -0.76 -4.44
N ASP A 21 -8.72 0.38 -4.28
CA ASP A 21 -9.25 1.13 -5.43
C ASP A 21 -8.14 1.72 -6.32
N TRP A 22 -7.10 2.31 -5.72
CA TRP A 22 -5.95 2.93 -6.39
C TRP A 22 -5.08 1.88 -7.08
N LEU A 23 -4.63 0.82 -6.41
CA LEU A 23 -3.79 -0.23 -7.01
C LEU A 23 -4.53 -0.88 -8.19
N ARG A 24 -5.82 -1.20 -8.03
CA ARG A 24 -6.70 -1.66 -9.12
C ARG A 24 -6.72 -0.66 -10.29
N ALA A 25 -7.09 0.60 -10.06
CA ALA A 25 -7.22 1.62 -11.10
C ALA A 25 -5.90 1.98 -11.81
N THR A 26 -4.77 1.95 -11.08
CA THR A 26 -3.41 2.13 -11.59
C THR A 26 -2.97 0.99 -12.52
N GLY A 27 -3.38 -0.26 -12.22
CA GLY A 27 -3.13 -1.43 -13.08
C GLY A 27 -2.67 -2.72 -12.35
N PHE A 28 -2.79 -2.76 -11.02
CA PHE A 28 -2.24 -3.79 -10.12
C PHE A 28 -3.25 -4.28 -9.06
N PRO A 29 -4.44 -4.77 -9.44
CA PRO A 29 -5.42 -5.27 -8.45
C PRO A 29 -4.89 -6.43 -7.57
N GLN A 30 -3.83 -7.14 -8.00
CA GLN A 30 -3.10 -8.15 -7.23
C GLN A 30 -2.42 -7.60 -5.96
N TYR A 31 -1.83 -6.40 -5.99
CA TYR A 31 -1.09 -5.89 -4.83
C TYR A 31 -2.00 -5.61 -3.61
N ALA A 32 -3.21 -5.16 -3.87
CA ALA A 32 -4.23 -5.02 -2.85
C ALA A 32 -4.63 -6.38 -2.24
N GLN A 33 -4.65 -7.45 -3.05
CA GLN A 33 -4.86 -8.82 -2.59
C GLN A 33 -3.71 -9.33 -1.71
N LEU A 34 -2.46 -9.02 -2.05
CA LEU A 34 -1.29 -9.37 -1.24
C LEU A 34 -1.32 -8.73 0.17
N TYR A 35 -1.86 -7.51 0.29
CA TYR A 35 -2.16 -6.92 1.60
C TYR A 35 -3.39 -7.55 2.26
N GLU A 36 -4.52 -7.66 1.55
CA GLU A 36 -5.75 -8.28 2.09
C GLU A 36 -5.53 -9.72 2.61
N ASP A 37 -4.58 -10.46 2.04
CA ASP A 37 -4.19 -11.81 2.46
C ASP A 37 -3.76 -11.88 3.95
N PHE A 38 -2.78 -11.07 4.37
CA PHE A 38 -2.27 -11.04 5.76
C PHE A 38 -1.39 -9.82 6.14
N LEU A 39 -1.51 -8.73 5.38
CA LEU A 39 -0.66 -7.54 5.40
C LEU A 39 0.83 -7.92 5.18
N PHE A 40 1.26 -8.04 3.92
CA PHE A 40 2.62 -8.46 3.51
C PHE A 40 3.70 -7.35 3.62
N PRO A 41 4.78 -7.50 4.42
CA PRO A 41 5.80 -6.47 4.61
C PRO A 41 7.00 -6.63 3.64
N ILE A 42 6.78 -6.37 2.35
CA ILE A 42 7.86 -6.44 1.34
C ILE A 42 8.79 -5.21 1.39
N ASP A 43 9.90 -5.28 0.67
CA ASP A 43 10.79 -4.14 0.44
C ASP A 43 10.51 -3.52 -0.94
N ILE A 44 10.23 -2.21 -0.99
CA ILE A 44 10.07 -1.45 -2.25
C ILE A 44 11.28 -1.62 -3.18
N SER A 45 12.50 -1.75 -2.64
CA SER A 45 13.69 -2.04 -3.47
C SER A 45 13.52 -3.33 -4.27
N LEU A 46 13.09 -4.42 -3.64
CA LEU A 46 12.80 -5.69 -4.33
C LEU A 46 11.64 -5.51 -5.32
N VAL A 47 10.55 -4.84 -4.92
CA VAL A 47 9.37 -4.64 -5.78
C VAL A 47 9.70 -3.83 -7.03
N LYS A 48 10.54 -2.80 -6.91
CA LYS A 48 11.07 -1.98 -8.01
C LYS A 48 11.96 -2.82 -8.94
N ARG A 49 12.80 -3.69 -8.40
CA ARG A 49 13.65 -4.63 -9.16
C ARG A 49 12.82 -5.70 -9.91
N GLU A 50 11.64 -6.07 -9.42
CA GLU A 50 10.68 -6.95 -10.13
C GLU A 50 9.79 -6.20 -11.16
N HIS A 51 9.29 -5.01 -10.80
CA HIS A 51 8.40 -4.16 -11.63
C HIS A 51 9.20 -2.97 -12.22
N ASP A 52 10.35 -3.26 -12.83
CA ASP A 52 11.16 -2.27 -13.57
C ASP A 52 10.66 -2.02 -15.01
N PHE A 53 9.62 -2.75 -15.45
CA PHE A 53 8.97 -2.60 -16.75
C PHE A 53 8.32 -1.22 -16.98
N LEU A 54 8.09 -0.46 -15.90
CA LEU A 54 7.47 0.86 -15.85
C LEU A 54 8.49 1.94 -15.44
N ASP A 55 8.12 3.20 -15.65
CA ASP A 55 8.94 4.35 -15.24
C ASP A 55 9.10 4.41 -13.71
N ARG A 56 10.23 4.92 -13.22
CA ARG A 56 10.45 5.19 -11.79
C ARG A 56 9.34 6.07 -11.19
N ASP A 57 8.76 6.97 -11.97
CA ASP A 57 7.63 7.81 -11.55
C ASP A 57 6.38 6.99 -11.19
N ALA A 58 6.10 5.92 -11.96
CA ALA A 58 5.06 4.95 -11.61
C ALA A 58 5.48 4.09 -10.41
N ILE A 59 6.77 3.74 -10.25
CA ILE A 59 7.24 3.08 -9.03
C ILE A 59 7.06 3.97 -7.79
N GLU A 60 7.27 5.29 -7.86
CA GLU A 60 7.03 6.18 -6.70
C GLU A 60 5.54 6.27 -6.35
N ALA A 61 4.66 6.38 -7.35
CA ALA A 61 3.21 6.40 -7.16
C ALA A 61 2.69 5.07 -6.60
N LEU A 62 3.17 3.94 -7.14
CA LEU A 62 2.87 2.57 -6.67
C LEU A 62 3.41 2.38 -5.25
N CYS A 63 4.68 2.72 -5.03
CA CYS A 63 5.33 2.77 -3.73
C CYS A 63 4.49 3.55 -2.72
N ARG A 64 3.80 4.63 -3.07
CA ARG A 64 2.94 5.33 -2.10
C ARG A 64 1.88 4.42 -1.45
N ARG A 65 1.21 3.57 -2.23
CA ARG A 65 0.20 2.61 -1.71
C ARG A 65 0.87 1.36 -1.17
N LEU A 66 1.87 0.83 -1.85
CA LEU A 66 2.61 -0.34 -1.37
C LEU A 66 3.33 -0.05 -0.05
N ASN A 67 4.08 1.04 0.09
CA ASN A 67 4.66 1.49 1.37
C ASN A 67 3.59 1.67 2.46
N THR A 68 2.44 2.29 2.18
CA THR A 68 1.33 2.40 3.14
C THR A 68 0.87 1.02 3.64
N LEU A 69 0.79 0.03 2.75
CA LEU A 69 0.41 -1.35 3.06
C LEU A 69 1.54 -2.13 3.75
N ASN A 70 2.77 -2.09 3.22
CA ASN A 70 4.01 -2.66 3.76
C ASN A 70 4.38 -2.09 5.14
N LYS A 71 3.98 -0.85 5.43
CA LYS A 71 4.07 -0.18 6.74
C LYS A 71 3.08 -0.81 7.72
N CYS A 72 1.77 -0.75 7.45
CA CYS A 72 0.78 -1.48 8.25
C CYS A 72 0.96 -3.01 8.28
N ALA A 73 1.80 -3.58 7.40
CA ALA A 73 2.23 -4.96 7.45
C ALA A 73 3.28 -5.28 8.53
N VAL A 74 4.24 -4.37 8.82
CA VAL A 74 5.18 -4.52 9.94
C VAL A 74 4.57 -4.09 11.30
N MET A 75 3.44 -3.38 11.28
CA MET A 75 2.74 -2.84 12.48
C MET A 75 1.21 -3.05 12.41
N LYS A 76 0.80 -4.28 12.06
CA LYS A 76 -0.60 -4.73 11.92
C LYS A 76 -1.51 -4.41 13.12
N MET A 1 -12.34 13.19 20.46
CA MET A 1 -10.95 13.48 20.00
C MET A 1 -10.84 14.90 19.46
N CYS A 2 -9.71 15.56 19.75
CA CYS A 2 -9.42 16.95 19.34
C CYS A 2 -7.96 17.10 18.87
N ARG A 3 -6.98 16.69 19.70
CA ARG A 3 -5.57 16.46 19.33
C ARG A 3 -5.42 15.24 18.39
N LYS A 4 -4.24 15.11 17.77
CA LYS A 4 -3.92 14.16 16.66
C LYS A 4 -4.83 14.30 15.43
N LYS A 5 -4.48 13.61 14.33
CA LYS A 5 -5.29 13.56 13.09
C LYS A 5 -6.69 12.98 13.36
N PRO A 6 -7.74 13.42 12.64
CA PRO A 6 -9.09 12.91 12.83
C PRO A 6 -9.22 11.44 12.36
N ASP A 7 -9.74 10.57 13.24
CA ASP A 7 -10.00 9.13 13.03
C ASP A 7 -8.79 8.25 12.59
N THR A 8 -7.58 8.57 13.13
CA THR A 8 -6.34 7.85 12.74
C THR A 8 -6.40 6.32 12.89
N MET A 9 -7.06 5.77 13.93
CA MET A 9 -7.20 4.31 14.13
C MET A 9 -7.95 3.63 12.97
N ILE A 10 -8.90 4.36 12.38
CA ILE A 10 -9.67 3.92 11.21
C ILE A 10 -8.89 4.23 9.92
N LEU A 11 -8.14 5.35 9.82
CA LEU A 11 -7.26 5.68 8.68
C LEU A 11 -6.33 4.51 8.29
N THR A 12 -5.72 3.82 9.26
CA THR A 12 -4.95 2.58 9.01
C THR A 12 -5.78 1.46 8.34
N GLN A 13 -7.05 1.25 8.72
CA GLN A 13 -7.96 0.31 8.04
C GLN A 13 -8.47 0.84 6.70
N ILE A 14 -8.78 2.15 6.56
CA ILE A 14 -9.17 2.69 5.24
C ILE A 14 -8.02 2.53 4.27
N GLU A 15 -6.78 2.84 4.65
CA GLU A 15 -5.61 2.66 3.78
C GLU A 15 -5.41 1.21 3.32
N ALA A 16 -5.83 0.20 4.09
CA ALA A 16 -5.86 -1.20 3.63
C ALA A 16 -6.92 -1.49 2.55
N LYS A 17 -8.17 -1.04 2.73
CA LYS A 17 -9.29 -1.32 1.78
C LYS A 17 -9.36 -0.32 0.61
N GLU A 18 -8.92 0.91 0.85
CA GLU A 18 -8.60 1.93 -0.16
C GLU A 18 -7.34 1.59 -0.94
N ALA A 19 -6.40 0.79 -0.42
CA ALA A 19 -5.38 0.19 -1.29
C ALA A 19 -6.02 -0.79 -2.28
N CYS A 20 -7.01 -1.60 -1.89
CA CYS A 20 -7.74 -2.41 -2.85
C CYS A 20 -8.42 -1.56 -3.93
N ASP A 21 -9.21 -0.56 -3.57
CA ASP A 21 -9.80 0.38 -4.54
C ASP A 21 -8.76 1.17 -5.36
N TRP A 22 -7.69 1.68 -4.76
CA TRP A 22 -6.64 2.48 -5.42
C TRP A 22 -5.80 1.63 -6.37
N LEU A 23 -5.26 0.50 -5.92
CA LEU A 23 -4.44 -0.40 -6.75
C LEU A 23 -5.26 -0.90 -7.96
N ARG A 24 -6.52 -1.29 -7.73
CA ARG A 24 -7.49 -1.67 -8.77
C ARG A 24 -7.75 -0.54 -9.78
N ALA A 25 -8.04 0.68 -9.32
CA ALA A 25 -8.28 1.84 -10.16
C ALA A 25 -7.02 2.35 -10.92
N THR A 26 -5.84 2.22 -10.31
CA THR A 26 -4.54 2.59 -10.87
C THR A 26 -4.11 1.64 -11.99
N GLY A 27 -4.22 0.32 -11.77
CA GLY A 27 -3.86 -0.68 -12.79
C GLY A 27 -3.30 -2.02 -12.30
N PHE A 28 -3.41 -2.32 -11.00
CA PHE A 28 -2.71 -3.43 -10.32
C PHE A 28 -3.58 -4.21 -9.31
N PRO A 29 -4.67 -4.87 -9.73
CA PRO A 29 -5.55 -5.58 -8.79
C PRO A 29 -4.85 -6.75 -8.04
N GLN A 30 -3.74 -7.27 -8.57
CA GLN A 30 -2.89 -8.29 -7.93
C GLN A 30 -2.20 -7.82 -6.63
N TYR A 31 -1.79 -6.56 -6.51
CA TYR A 31 -1.09 -6.09 -5.29
C TYR A 31 -2.02 -6.04 -4.07
N ALA A 32 -3.28 -5.66 -4.29
CA ALA A 32 -4.33 -5.77 -3.26
C ALA A 32 -4.55 -7.23 -2.83
N GLN A 33 -4.63 -8.13 -3.81
CA GLN A 33 -4.77 -9.57 -3.58
C GLN A 33 -3.59 -10.15 -2.77
N LEU A 34 -2.34 -9.74 -3.06
CA LEU A 34 -1.14 -10.14 -2.31
C LEU A 34 -1.18 -9.78 -0.81
N TYR A 35 -1.75 -8.62 -0.47
CA TYR A 35 -2.03 -8.24 0.92
C TYR A 35 -3.22 -9.00 1.53
N GLU A 36 -4.34 -9.10 0.81
CA GLU A 36 -5.50 -9.87 1.25
C GLU A 36 -5.21 -11.37 1.41
N ASP A 37 -4.15 -11.89 0.78
CA ASP A 37 -3.66 -13.26 0.91
C ASP A 37 -3.28 -13.61 2.36
N PHE A 38 -2.33 -12.85 2.95
CA PHE A 38 -1.80 -13.05 4.31
C PHE A 38 -0.94 -11.88 4.84
N LEU A 39 -1.15 -10.66 4.35
CA LEU A 39 -0.34 -9.44 4.56
C LEU A 39 1.15 -9.67 4.22
N PHE A 40 1.54 -9.39 2.98
CA PHE A 40 2.90 -9.60 2.45
C PHE A 40 3.88 -8.42 2.73
N PRO A 41 4.99 -8.59 3.49
CA PRO A 41 5.94 -7.51 3.79
C PRO A 41 7.12 -7.45 2.79
N ILE A 42 6.87 -7.09 1.52
CA ILE A 42 7.96 -6.96 0.54
C ILE A 42 8.80 -5.70 0.82
N ASP A 43 9.95 -5.59 0.17
CA ASP A 43 10.77 -4.37 0.12
C ASP A 43 10.42 -3.56 -1.14
N ILE A 44 10.09 -2.28 -0.98
CA ILE A 44 9.94 -1.34 -2.10
C ILE A 44 11.19 -1.31 -2.98
N SER A 45 12.40 -1.42 -2.41
CA SER A 45 13.64 -1.52 -3.19
C SER A 45 13.76 -2.77 -4.10
N LEU A 46 12.97 -3.82 -3.86
CA LEU A 46 12.78 -4.94 -4.79
C LEU A 46 11.69 -4.58 -5.83
N VAL A 47 10.56 -4.03 -5.39
CA VAL A 47 9.44 -3.67 -6.28
C VAL A 47 9.81 -2.60 -7.34
N LYS A 48 10.56 -1.56 -6.97
CA LYS A 48 11.10 -0.54 -7.90
C LYS A 48 12.15 -1.09 -8.88
N ARG A 49 12.78 -2.23 -8.57
CA ARG A 49 13.64 -2.98 -9.50
C ARG A 49 12.85 -3.91 -10.42
N GLU A 50 11.84 -4.62 -9.91
CA GLU A 50 11.01 -5.52 -10.73
C GLU A 50 10.06 -4.75 -11.68
N HIS A 51 9.63 -3.53 -11.30
CA HIS A 51 8.78 -2.60 -12.06
C HIS A 51 9.55 -1.32 -12.43
N ASP A 52 10.85 -1.43 -12.74
CA ASP A 52 11.67 -0.32 -13.26
C ASP A 52 11.14 0.32 -14.56
N PHE A 53 10.20 -0.36 -15.24
CA PHE A 53 9.37 0.15 -16.33
C PHE A 53 8.60 1.44 -15.95
N LEU A 54 8.10 1.51 -14.71
CA LEU A 54 7.39 2.66 -14.16
C LEU A 54 8.39 3.77 -13.74
N ASP A 55 8.01 5.04 -13.93
CA ASP A 55 8.78 6.19 -13.42
C ASP A 55 8.87 6.21 -11.88
N ARG A 56 9.84 6.94 -11.32
CA ARG A 56 9.94 7.15 -9.86
C ARG A 56 8.68 7.79 -9.27
N ASP A 57 8.00 8.67 -10.01
CA ASP A 57 6.74 9.29 -9.59
C ASP A 57 5.59 8.27 -9.47
N ALA A 58 5.47 7.36 -10.45
CA ALA A 58 4.58 6.21 -10.40
C ALA A 58 4.98 5.26 -9.25
N ILE A 59 6.27 4.97 -9.09
CA ILE A 59 6.77 4.14 -7.97
C ILE A 59 6.51 4.78 -6.61
N GLU A 60 6.58 6.11 -6.43
CA GLU A 60 6.19 6.78 -5.17
C GLU A 60 4.68 6.67 -4.91
N ALA A 61 3.85 6.89 -5.93
CA ALA A 61 2.39 6.77 -5.81
C ALA A 61 1.96 5.32 -5.46
N LEU A 62 2.54 4.33 -6.14
CA LEU A 62 2.35 2.91 -5.89
C LEU A 62 2.89 2.52 -4.50
N CYS A 63 4.12 2.94 -4.18
CA CYS A 63 4.74 2.81 -2.86
C CYS A 63 3.85 3.37 -1.75
N ARG A 64 3.07 4.43 -1.97
CA ARG A 64 2.15 4.93 -0.94
C ARG A 64 1.14 3.88 -0.44
N ARG A 65 0.63 3.05 -1.36
CA ARG A 65 -0.28 1.92 -1.02
C ARG A 65 0.49 0.64 -0.70
N LEU A 66 1.56 0.35 -1.43
CA LEU A 66 2.38 -0.83 -1.16
C LEU A 66 3.11 -0.73 0.19
N ASN A 67 3.74 0.38 0.54
CA ASN A 67 4.32 0.63 1.87
C ASN A 67 3.26 0.59 2.99
N THR A 68 2.03 1.05 2.76
CA THR A 68 0.90 0.78 3.67
C THR A 68 0.68 -0.72 3.87
N LEU A 69 0.59 -1.50 2.79
CA LEU A 69 0.39 -2.94 2.84
C LEU A 69 1.59 -3.71 3.44
N ASN A 70 2.81 -3.27 3.13
CA ASN A 70 4.08 -3.83 3.59
C ASN A 70 4.34 -3.48 5.07
N LYS A 71 4.05 -2.24 5.50
CA LYS A 71 4.11 -1.86 6.93
C LYS A 71 3.04 -2.60 7.71
N CYS A 72 1.77 -2.64 7.27
CA CYS A 72 0.73 -3.45 7.90
C CYS A 72 0.99 -4.97 7.83
N ALA A 73 1.94 -5.43 7.01
CA ALA A 73 2.40 -6.82 6.98
C ALA A 73 3.58 -7.14 7.94
N VAL A 74 4.29 -6.13 8.47
CA VAL A 74 5.42 -6.28 9.42
C VAL A 74 5.09 -5.74 10.82
N MET A 75 4.17 -4.76 10.89
CA MET A 75 3.65 -4.09 12.10
C MET A 75 2.40 -4.79 12.69
N LYS A 76 2.22 -6.10 12.40
CA LYS A 76 1.11 -6.96 12.84
C LYS A 76 1.60 -8.36 13.22
N MET A 1 1.59 14.89 10.26
CA MET A 1 0.51 14.10 9.60
C MET A 1 0.10 12.91 10.47
N CYS A 2 -1.19 12.54 10.44
CA CYS A 2 -1.82 11.45 11.21
C CYS A 2 -1.45 11.43 12.71
N ARG A 3 -2.01 12.37 13.49
CA ARG A 3 -1.66 12.57 14.92
C ARG A 3 -2.86 12.77 15.87
N LYS A 4 -3.82 13.62 15.50
CA LYS A 4 -5.02 13.99 16.31
C LYS A 4 -6.32 13.98 15.50
N LYS A 5 -6.36 13.18 14.42
CA LYS A 5 -7.51 13.05 13.51
C LYS A 5 -8.82 12.68 14.23
N PRO A 6 -10.00 13.10 13.72
CA PRO A 6 -11.30 12.78 14.31
C PRO A 6 -11.71 11.30 14.15
N ASP A 7 -11.07 10.59 13.22
CA ASP A 7 -11.20 9.15 12.98
C ASP A 7 -9.84 8.60 12.53
N THR A 8 -9.15 7.85 13.41
CA THR A 8 -7.85 7.20 13.13
C THR A 8 -7.90 5.68 13.34
N MET A 9 -8.70 5.20 14.29
CA MET A 9 -9.01 3.78 14.48
C MET A 9 -9.65 3.14 13.23
N ILE A 10 -10.41 3.93 12.45
CA ILE A 10 -11.00 3.50 11.19
C ILE A 10 -10.11 3.89 10.00
N LEU A 11 -9.28 4.94 10.06
CA LEU A 11 -8.33 5.29 9.00
C LEU A 11 -7.41 4.13 8.62
N THR A 12 -6.93 3.34 9.59
CA THR A 12 -6.17 2.10 9.34
C THR A 12 -6.97 1.06 8.54
N GLN A 13 -8.27 0.93 8.78
CA GLN A 13 -9.17 0.05 8.01
C GLN A 13 -9.54 0.65 6.64
N ILE A 14 -9.77 1.96 6.52
CA ILE A 14 -9.97 2.57 5.20
C ILE A 14 -8.68 2.46 4.38
N GLU A 15 -7.50 2.59 4.97
CA GLU A 15 -6.22 2.43 4.29
C GLU A 15 -6.02 1.03 3.69
N ALA A 16 -6.63 -0.02 4.26
CA ALA A 16 -6.69 -1.34 3.63
C ALA A 16 -7.57 -1.36 2.37
N LYS A 17 -8.83 -0.90 2.48
CA LYS A 17 -9.77 -0.89 1.33
C LYS A 17 -9.45 0.18 0.28
N GLU A 18 -8.92 1.32 0.69
CA GLU A 18 -8.44 2.40 -0.17
C GLU A 18 -7.17 1.99 -0.87
N ALA A 19 -6.25 1.24 -0.24
CA ALA A 19 -5.20 0.60 -1.01
C ALA A 19 -5.79 -0.35 -2.05
N CYS A 20 -6.79 -1.18 -1.71
CA CYS A 20 -7.47 -2.01 -2.73
C CYS A 20 -8.08 -1.19 -3.86
N ASP A 21 -8.89 -0.18 -3.57
CA ASP A 21 -9.57 0.66 -4.55
C ASP A 21 -8.60 1.53 -5.37
N TRP A 22 -7.58 2.11 -4.72
CA TRP A 22 -6.50 2.87 -5.37
C TRP A 22 -5.64 1.97 -6.24
N LEU A 23 -5.11 0.86 -5.73
CA LEU A 23 -4.26 -0.07 -6.48
C LEU A 23 -5.02 -0.62 -7.69
N ARG A 24 -6.28 -1.06 -7.52
CA ARG A 24 -7.18 -1.45 -8.62
C ARG A 24 -7.36 -0.33 -9.65
N ALA A 25 -7.77 0.88 -9.23
CA ALA A 25 -8.03 2.01 -10.12
C ALA A 25 -6.76 2.55 -10.82
N THR A 26 -5.60 2.42 -10.19
CA THR A 26 -4.27 2.78 -10.74
C THR A 26 -3.80 1.77 -11.79
N GLY A 27 -3.85 0.47 -11.50
CA GLY A 27 -3.46 -0.59 -12.45
C GLY A 27 -2.93 -1.91 -11.87
N PHE A 28 -3.13 -2.18 -10.57
CA PHE A 28 -2.48 -3.25 -9.80
C PHE A 28 -3.41 -3.96 -8.79
N PRO A 29 -4.53 -4.58 -9.22
CA PRO A 29 -5.44 -5.28 -8.30
C PRO A 29 -4.77 -6.46 -7.54
N GLN A 30 -3.63 -6.96 -8.01
CA GLN A 30 -2.81 -7.99 -7.35
C GLN A 30 -2.11 -7.51 -6.05
N TYR A 31 -1.60 -6.28 -5.97
CA TYR A 31 -0.91 -5.80 -4.75
C TYR A 31 -1.86 -5.73 -3.55
N ALA A 32 -3.12 -5.38 -3.81
CA ALA A 32 -4.19 -5.44 -2.83
C ALA A 32 -4.49 -6.88 -2.40
N GLN A 33 -4.62 -7.82 -3.35
CA GLN A 33 -4.81 -9.25 -3.07
C GLN A 33 -3.68 -9.84 -2.23
N LEU A 34 -2.42 -9.46 -2.46
CA LEU A 34 -1.26 -9.89 -1.66
C LEU A 34 -1.36 -9.48 -0.18
N TYR A 35 -1.86 -8.29 0.11
CA TYR A 35 -2.14 -7.86 1.48
C TYR A 35 -3.40 -8.50 2.05
N GLU A 36 -4.50 -8.51 1.29
CA GLU A 36 -5.76 -9.15 1.70
C GLU A 36 -5.60 -10.68 1.94
N ASP A 37 -4.52 -11.29 1.43
CA ASP A 37 -4.14 -12.68 1.70
C ASP A 37 -3.78 -12.92 3.18
N PHE A 38 -2.83 -12.15 3.75
CA PHE A 38 -2.34 -12.29 5.13
C PHE A 38 -1.44 -11.13 5.64
N LEU A 39 -1.57 -9.94 5.05
CA LEU A 39 -0.73 -8.76 5.23
C LEU A 39 0.77 -9.08 4.97
N PHE A 40 1.21 -8.95 3.72
CA PHE A 40 2.56 -9.30 3.24
C PHE A 40 3.62 -8.18 3.45
N PRO A 41 4.69 -8.39 4.22
CA PRO A 41 5.69 -7.34 4.51
C PRO A 41 6.88 -7.37 3.52
N ILE A 42 6.65 -6.95 2.27
CA ILE A 42 7.72 -6.86 1.25
C ILE A 42 8.61 -5.63 1.47
N ASP A 43 9.73 -5.58 0.76
CA ASP A 43 10.59 -4.41 0.68
C ASP A 43 10.31 -3.63 -0.62
N ILE A 44 9.98 -2.34 -0.51
CA ILE A 44 9.80 -1.47 -1.69
C ILE A 44 11.06 -1.43 -2.56
N SER A 45 12.26 -1.56 -1.99
CA SER A 45 13.52 -1.71 -2.76
C SER A 45 13.45 -2.88 -3.76
N LEU A 46 12.84 -4.02 -3.37
CA LEU A 46 12.57 -5.16 -4.24
C LEU A 46 11.39 -4.91 -5.19
N VAL A 47 10.31 -4.26 -4.75
CA VAL A 47 9.12 -4.04 -5.57
C VAL A 47 9.36 -3.01 -6.69
N LYS A 48 10.17 -1.98 -6.40
CA LYS A 48 10.65 -0.96 -7.35
C LYS A 48 11.48 -1.57 -8.48
N ARG A 49 12.29 -2.59 -8.19
CA ARG A 49 13.06 -3.36 -9.20
C ARG A 49 12.17 -4.14 -10.16
N GLU A 50 11.00 -4.61 -9.72
CA GLU A 50 9.95 -5.16 -10.62
C GLU A 50 9.09 -4.07 -11.29
N HIS A 51 9.12 -2.84 -10.79
CA HIS A 51 8.39 -1.69 -11.34
C HIS A 51 9.15 -0.96 -12.48
N ASP A 52 10.41 -1.33 -12.79
CA ASP A 52 11.34 -0.62 -13.70
C ASP A 52 10.78 -0.16 -15.08
N PHE A 53 9.70 -0.81 -15.54
CA PHE A 53 8.85 -0.43 -16.67
C PHE A 53 8.27 1.01 -16.56
N LEU A 54 7.92 1.43 -15.35
CA LEU A 54 7.32 2.70 -14.95
C LEU A 54 8.44 3.72 -14.58
N ASP A 55 8.09 4.87 -14.00
CA ASP A 55 9.05 5.86 -13.46
C ASP A 55 9.06 5.87 -11.93
N ARG A 56 10.19 6.22 -11.31
CA ARG A 56 10.33 6.43 -9.84
C ARG A 56 9.21 7.26 -9.20
N ASP A 57 8.60 8.20 -9.94
CA ASP A 57 7.46 9.00 -9.49
C ASP A 57 6.16 8.17 -9.38
N ALA A 58 5.97 7.19 -10.25
CA ALA A 58 4.95 6.16 -10.13
C ALA A 58 5.25 5.20 -8.97
N ILE A 59 6.52 4.84 -8.69
CA ILE A 59 6.84 4.15 -7.44
C ILE A 59 6.50 5.00 -6.22
N GLU A 60 6.80 6.29 -6.17
CA GLU A 60 6.48 7.11 -5.00
C GLU A 60 4.96 7.17 -4.71
N ALA A 61 4.12 7.01 -5.74
CA ALA A 61 2.68 6.86 -5.63
C ALA A 61 2.25 5.41 -5.23
N LEU A 62 2.76 4.38 -5.92
CA LEU A 62 2.49 2.96 -5.62
C LEU A 62 2.98 2.55 -4.22
N CYS A 63 4.20 2.95 -3.88
CA CYS A 63 4.81 2.91 -2.56
C CYS A 63 3.95 3.59 -1.50
N ARG A 64 3.11 4.61 -1.80
CA ARG A 64 2.19 5.13 -0.78
C ARG A 64 1.28 4.04 -0.24
N ARG A 65 0.63 3.29 -1.14
CA ARG A 65 -0.22 2.16 -0.77
C ARG A 65 0.60 0.97 -0.32
N LEU A 66 1.60 0.52 -1.10
CA LEU A 66 2.42 -0.62 -0.72
C LEU A 66 3.15 -0.41 0.61
N ASN A 67 3.76 0.75 0.91
CA ASN A 67 4.32 1.05 2.23
C ASN A 67 3.25 0.90 3.32
N THR A 68 2.08 1.54 3.18
CA THR A 68 0.94 1.37 4.10
C THR A 68 0.58 -0.10 4.33
N LEU A 69 0.51 -0.91 3.27
CA LEU A 69 0.23 -2.35 3.34
C LEU A 69 1.38 -3.15 3.97
N ASN A 70 2.63 -2.94 3.55
CA ASN A 70 3.85 -3.57 4.07
C ASN A 70 4.13 -3.20 5.53
N LYS A 71 3.71 -2.00 5.96
CA LYS A 71 3.82 -1.47 7.31
C LYS A 71 2.79 -2.13 8.21
N CYS A 72 1.50 -2.12 7.85
CA CYS A 72 0.46 -2.93 8.49
C CYS A 72 0.72 -4.46 8.41
N ALA A 73 1.64 -4.90 7.54
CA ALA A 73 2.12 -6.27 7.50
C ALA A 73 3.24 -6.62 8.50
N VAL A 74 4.01 -5.65 8.98
CA VAL A 74 4.98 -5.85 10.09
C VAL A 74 4.41 -5.44 11.46
N MET A 75 3.41 -4.55 11.51
CA MET A 75 2.87 -3.97 12.76
C MET A 75 1.36 -4.27 13.01
N LYS A 76 0.80 -5.26 12.29
CA LYS A 76 -0.63 -5.65 12.23
C LYS A 76 -1.57 -4.61 11.58
N MET A 1 -0.68 14.43 27.12
CA MET A 1 -1.35 14.89 25.88
C MET A 1 -2.07 13.72 25.20
N CYS A 2 -3.40 13.68 25.34
CA CYS A 2 -4.29 12.65 24.78
C CYS A 2 -5.60 13.27 24.25
N ARG A 3 -5.48 14.43 23.56
CA ARG A 3 -6.59 15.09 22.84
C ARG A 3 -7.36 14.13 21.94
N LYS A 4 -8.62 14.46 21.61
CA LYS A 4 -9.45 13.65 20.70
C LYS A 4 -8.66 13.28 19.44
N LYS A 5 -8.47 11.99 19.21
CA LYS A 5 -7.65 11.48 18.09
C LYS A 5 -8.45 11.64 16.79
N PRO A 6 -7.83 12.07 15.66
CA PRO A 6 -8.55 12.26 14.40
C PRO A 6 -9.01 10.91 13.81
N ASP A 7 -9.63 10.92 12.62
CA ASP A 7 -10.22 9.75 11.93
C ASP A 7 -9.18 8.72 11.41
N THR A 8 -8.05 8.54 12.13
CA THR A 8 -6.89 7.71 11.76
C THR A 8 -7.15 6.20 11.88
N MET A 9 -7.94 5.77 12.88
CA MET A 9 -8.37 4.38 13.06
C MET A 9 -9.14 3.85 11.83
N ILE A 10 -9.90 4.74 11.18
CA ILE A 10 -10.60 4.45 9.94
C ILE A 10 -9.69 4.67 8.73
N LEU A 11 -8.88 5.75 8.67
CA LEU A 11 -7.91 5.98 7.59
C LEU A 11 -7.01 4.74 7.33
N THR A 12 -6.57 4.05 8.39
CA THR A 12 -5.86 2.76 8.29
C THR A 12 -6.70 1.63 7.65
N GLN A 13 -7.99 1.54 7.95
CA GLN A 13 -8.90 0.59 7.28
C GLN A 13 -9.28 1.02 5.86
N ILE A 14 -9.42 2.33 5.55
CA ILE A 14 -9.61 2.76 4.15
C ILE A 14 -8.35 2.46 3.35
N GLU A 15 -7.15 2.62 3.92
CA GLU A 15 -5.88 2.24 3.28
C GLU A 15 -5.79 0.74 2.91
N ALA A 16 -6.67 -0.13 3.42
CA ALA A 16 -6.87 -1.49 2.90
C ALA A 16 -7.77 -1.54 1.64
N LYS A 17 -8.92 -0.85 1.65
CA LYS A 17 -9.90 -0.88 0.54
C LYS A 17 -9.56 0.08 -0.60
N GLU A 18 -9.09 1.29 -0.28
CA GLU A 18 -8.57 2.29 -1.21
C GLU A 18 -7.21 1.88 -1.77
N ALA A 19 -6.49 0.96 -1.13
CA ALA A 19 -5.43 0.24 -1.82
C ALA A 19 -6.03 -0.65 -2.91
N CYS A 20 -7.01 -1.49 -2.63
CA CYS A 20 -7.65 -2.31 -3.67
C CYS A 20 -8.22 -1.44 -4.81
N ASP A 21 -8.95 -0.39 -4.48
CA ASP A 21 -9.49 0.57 -5.45
C ASP A 21 -8.38 1.26 -6.27
N TRP A 22 -7.32 1.77 -5.62
CA TRP A 22 -6.20 2.43 -6.29
C TRP A 22 -5.37 1.46 -7.13
N LEU A 23 -4.89 0.34 -6.57
CA LEU A 23 -4.11 -0.66 -7.30
C LEU A 23 -4.88 -1.16 -8.53
N ARG A 24 -6.18 -1.45 -8.39
CA ARG A 24 -7.07 -1.83 -9.51
C ARG A 24 -7.23 -0.72 -10.55
N ALA A 25 -7.52 0.51 -10.13
CA ALA A 25 -7.68 1.66 -11.02
C ALA A 25 -6.36 2.09 -11.72
N THR A 26 -5.21 1.87 -11.06
CA THR A 26 -3.87 2.13 -11.59
C THR A 26 -3.45 1.10 -12.64
N GLY A 27 -3.54 -0.20 -12.32
CA GLY A 27 -3.20 -1.28 -13.26
C GLY A 27 -2.69 -2.60 -12.68
N PHE A 28 -2.92 -2.88 -11.39
CA PHE A 28 -2.28 -3.97 -10.65
C PHE A 28 -3.23 -4.68 -9.65
N PRO A 29 -4.29 -5.37 -10.11
CA PRO A 29 -5.24 -6.04 -9.22
C PRO A 29 -4.60 -7.16 -8.35
N GLN A 30 -3.38 -7.60 -8.69
CA GLN A 30 -2.57 -8.54 -7.91
C GLN A 30 -2.00 -7.96 -6.59
N TYR A 31 -1.50 -6.72 -6.58
CA TYR A 31 -0.89 -6.15 -5.37
C TYR A 31 -1.90 -5.98 -4.23
N ALA A 32 -3.14 -5.61 -4.58
CA ALA A 32 -4.26 -5.61 -3.66
C ALA A 32 -4.53 -7.02 -3.11
N GLN A 33 -4.55 -8.04 -3.98
CA GLN A 33 -4.78 -9.43 -3.58
C GLN A 33 -3.67 -9.98 -2.68
N LEU A 34 -2.40 -9.58 -2.89
CA LEU A 34 -1.27 -9.92 -2.02
C LEU A 34 -1.43 -9.38 -0.58
N TYR A 35 -1.99 -8.18 -0.41
CA TYR A 35 -2.33 -7.66 0.91
C TYR A 35 -3.64 -8.22 1.46
N GLU A 36 -4.71 -8.27 0.67
CA GLU A 36 -5.99 -8.87 1.10
C GLU A 36 -5.89 -10.38 1.40
N ASP A 37 -4.83 -11.07 0.93
CA ASP A 37 -4.48 -12.43 1.35
C ASP A 37 -4.14 -12.52 2.85
N PHE A 38 -3.15 -11.78 3.34
CA PHE A 38 -2.68 -11.85 4.73
C PHE A 38 -1.78 -10.69 5.19
N LEU A 39 -1.93 -9.52 4.57
CA LEU A 39 -1.09 -8.33 4.75
C LEU A 39 0.41 -8.65 4.57
N PHE A 40 0.88 -8.67 3.32
CA PHE A 40 2.26 -9.01 2.94
C PHE A 40 3.29 -7.86 3.16
N PRO A 41 4.34 -8.03 4.00
CA PRO A 41 5.33 -6.98 4.26
C PRO A 41 6.54 -7.06 3.31
N ILE A 42 6.36 -6.65 2.06
CA ILE A 42 7.47 -6.62 1.07
C ILE A 42 8.33 -5.36 1.24
N ASP A 43 9.50 -5.36 0.61
CA ASP A 43 10.36 -4.19 0.50
C ASP A 43 10.09 -3.47 -0.83
N ILE A 44 9.86 -2.15 -0.82
CA ILE A 44 9.77 -1.36 -2.05
C ILE A 44 11.02 -1.52 -2.89
N SER A 45 12.21 -1.60 -2.29
CA SER A 45 13.45 -1.86 -3.02
C SER A 45 13.44 -3.19 -3.80
N LEU A 46 12.68 -4.20 -3.36
CA LEU A 46 12.50 -5.46 -4.09
C LEU A 46 11.64 -5.24 -5.34
N VAL A 47 10.39 -4.78 -5.18
CA VAL A 47 9.49 -4.56 -6.32
C VAL A 47 9.99 -3.47 -7.28
N LYS A 48 10.68 -2.44 -6.78
CA LYS A 48 11.36 -1.41 -7.59
C LYS A 48 12.44 -2.02 -8.48
N ARG A 49 13.32 -2.87 -7.92
CA ARG A 49 14.35 -3.60 -8.68
C ARG A 49 13.75 -4.57 -9.71
N GLU A 50 12.65 -5.24 -9.35
CA GLU A 50 11.92 -6.15 -10.27
C GLU A 50 11.19 -5.40 -11.39
N HIS A 51 10.61 -4.22 -11.13
CA HIS A 51 10.05 -3.36 -12.18
C HIS A 51 11.17 -2.71 -13.01
N ASP A 52 11.85 -1.70 -12.47
CA ASP A 52 12.86 -0.87 -13.16
C ASP A 52 12.49 -0.51 -14.62
N PHE A 53 11.20 -0.29 -14.88
CA PHE A 53 10.58 -0.24 -16.21
C PHE A 53 9.64 0.97 -16.36
N LEU A 54 8.76 1.16 -15.36
CA LEU A 54 7.92 2.33 -15.21
C LEU A 54 8.77 3.58 -14.83
N ASP A 55 8.17 4.76 -14.84
CA ASP A 55 8.81 5.99 -14.36
C ASP A 55 9.13 5.93 -12.84
N ARG A 56 10.09 6.75 -12.39
CA ARG A 56 10.32 7.00 -10.94
C ARG A 56 9.04 7.46 -10.22
N ASP A 57 8.22 8.27 -10.88
CA ASP A 57 6.92 8.73 -10.38
C ASP A 57 5.90 7.60 -10.28
N ALA A 58 5.94 6.63 -11.21
CA ALA A 58 5.10 5.45 -11.11
C ALA A 58 5.53 4.57 -9.93
N ILE A 59 6.84 4.37 -9.70
CA ILE A 59 7.28 3.68 -8.48
C ILE A 59 6.92 4.47 -7.22
N GLU A 60 7.04 5.79 -7.17
CA GLU A 60 6.63 6.58 -6.00
C GLU A 60 5.12 6.56 -5.75
N ALA A 61 4.31 6.62 -6.81
CA ALA A 61 2.85 6.51 -6.74
C ALA A 61 2.39 5.11 -6.32
N LEU A 62 2.98 4.06 -6.89
CA LEU A 62 2.72 2.67 -6.51
C LEU A 62 3.22 2.42 -5.08
N CYS A 63 4.46 2.81 -4.77
CA CYS A 63 5.03 2.81 -3.43
C CYS A 63 4.12 3.52 -2.42
N ARG A 64 3.42 4.60 -2.76
CA ARG A 64 2.47 5.23 -1.83
C ARG A 64 1.46 4.24 -1.26
N ARG A 65 0.80 3.46 -2.12
CA ARG A 65 -0.10 2.38 -1.68
C ARG A 65 0.67 1.17 -1.18
N LEU A 66 1.63 0.63 -1.93
CA LEU A 66 2.37 -0.55 -1.51
C LEU A 66 3.04 -0.37 -0.15
N ASN A 67 3.68 0.76 0.14
CA ASN A 67 4.13 1.14 1.48
C ASN A 67 2.98 1.09 2.49
N THR A 68 1.81 1.66 2.19
CA THR A 68 0.63 1.55 3.05
C THR A 68 0.26 0.10 3.38
N LEU A 69 0.31 -0.80 2.38
CA LEU A 69 0.09 -2.23 2.59
C LEU A 69 1.24 -2.90 3.36
N ASN A 70 2.49 -2.71 2.93
CA ASN A 70 3.71 -3.27 3.53
C ASN A 70 3.89 -2.80 4.98
N LYS A 71 3.44 -1.58 5.29
CA LYS A 71 3.41 -0.97 6.63
C LYS A 71 2.29 -1.58 7.46
N CYS A 72 1.04 -1.59 6.99
CA CYS A 72 -0.05 -2.33 7.65
C CYS A 72 0.14 -3.86 7.65
N ALA A 73 1.22 -4.38 7.07
CA ALA A 73 1.66 -5.77 7.10
C ALA A 73 2.75 -6.07 8.15
N VAL A 74 3.56 -5.08 8.54
CA VAL A 74 4.44 -5.17 9.72
C VAL A 74 3.77 -4.61 10.98
N MET A 75 2.92 -3.59 10.82
CA MET A 75 2.14 -2.93 11.86
C MET A 75 0.77 -3.64 12.06
N LYS A 76 0.84 -4.97 12.23
CA LYS A 76 -0.25 -5.90 12.62
C LYS A 76 -1.30 -6.15 11.52
N MET A 1 -8.52 16.21 14.01
CA MET A 1 -7.43 16.90 13.25
C MET A 1 -6.47 15.88 12.63
N CYS A 2 -5.53 16.31 11.77
CA CYS A 2 -4.38 15.51 11.34
C CYS A 2 -3.51 15.03 12.53
N ARG A 3 -2.60 14.06 12.29
CA ARG A 3 -1.78 13.32 13.29
C ARG A 3 -2.61 12.57 14.33
N LYS A 4 -3.27 13.30 15.25
CA LYS A 4 -4.18 12.80 16.29
C LYS A 4 -5.63 12.81 15.79
N LYS A 5 -5.89 12.00 14.75
CA LYS A 5 -7.25 11.76 14.23
C LYS A 5 -8.16 11.14 15.31
N PRO A 6 -9.48 11.46 15.31
CA PRO A 6 -10.45 10.88 16.24
C PRO A 6 -10.75 9.40 15.93
N ASP A 7 -10.36 8.94 14.74
CA ASP A 7 -10.47 7.56 14.29
C ASP A 7 -9.10 7.04 13.83
N THR A 8 -8.67 5.92 14.39
CA THR A 8 -7.35 5.29 14.16
C THR A 8 -7.50 3.79 13.86
N MET A 9 -8.36 3.10 14.61
CA MET A 9 -8.77 1.72 14.36
C MET A 9 -9.34 1.54 12.94
N ILE A 10 -10.29 2.40 12.54
CA ILE A 10 -10.87 2.37 11.19
C ILE A 10 -9.95 3.04 10.19
N LEU A 11 -9.18 4.08 10.54
CA LEU A 11 -8.18 4.69 9.63
C LEU A 11 -7.24 3.62 9.04
N THR A 12 -6.79 2.65 9.83
CA THR A 12 -6.04 1.46 9.35
C THR A 12 -6.84 0.59 8.37
N GLN A 13 -8.15 0.40 8.55
CA GLN A 13 -9.01 -0.32 7.59
C GLN A 13 -9.31 0.48 6.33
N ILE A 14 -9.62 1.78 6.39
CA ILE A 14 -9.70 2.61 5.17
C ILE A 14 -8.35 2.57 4.45
N GLU A 15 -7.20 2.69 5.12
CA GLU A 15 -5.88 2.53 4.48
C GLU A 15 -5.66 1.18 3.76
N ALA A 16 -6.47 0.15 4.05
CA ALA A 16 -6.52 -1.09 3.26
C ALA A 16 -7.57 -1.03 2.14
N LYS A 17 -8.78 -0.52 2.38
CA LYS A 17 -9.85 -0.39 1.35
C LYS A 17 -9.45 0.60 0.26
N GLU A 18 -8.90 1.74 0.65
CA GLU A 18 -8.42 2.79 -0.24
C GLU A 18 -7.14 2.36 -0.94
N ALA A 19 -6.29 1.53 -0.34
CA ALA A 19 -5.24 0.87 -1.09
C ALA A 19 -5.82 -0.14 -2.08
N CYS A 20 -6.87 -0.89 -1.76
CA CYS A 20 -7.52 -1.75 -2.73
C CYS A 20 -8.10 -0.97 -3.91
N ASP A 21 -8.90 0.06 -3.65
CA ASP A 21 -9.48 0.92 -4.67
C ASP A 21 -8.41 1.69 -5.47
N TRP A 22 -7.41 2.28 -4.80
CA TRP A 22 -6.29 2.99 -5.41
C TRP A 22 -5.42 2.04 -6.24
N LEU A 23 -4.88 0.95 -5.69
CA LEU A 23 -4.03 0.01 -6.42
C LEU A 23 -4.76 -0.55 -7.65
N ARG A 24 -6.04 -0.93 -7.50
CA ARG A 24 -6.91 -1.33 -8.64
C ARG A 24 -7.06 -0.23 -9.69
N ALA A 25 -7.46 0.98 -9.31
CA ALA A 25 -7.66 2.11 -10.23
C ALA A 25 -6.36 2.65 -10.87
N THR A 26 -5.23 2.54 -10.16
CA THR A 26 -3.87 2.89 -10.61
C THR A 26 -3.36 1.91 -11.68
N GLY A 27 -3.66 0.62 -11.55
CA GLY A 27 -3.31 -0.42 -12.53
C GLY A 27 -2.70 -1.71 -11.96
N PHE A 28 -2.75 -1.91 -10.63
CA PHE A 28 -2.13 -3.00 -9.89
C PHE A 28 -3.10 -3.67 -8.88
N PRO A 29 -4.28 -4.18 -9.30
CA PRO A 29 -5.23 -4.82 -8.39
C PRO A 29 -4.66 -6.04 -7.62
N GLN A 30 -3.55 -6.60 -8.09
CA GLN A 30 -2.78 -7.66 -7.43
C GLN A 30 -2.12 -7.25 -6.10
N TYR A 31 -1.54 -6.05 -5.98
CA TYR A 31 -0.85 -5.65 -4.74
C TYR A 31 -1.80 -5.55 -3.54
N ALA A 32 -3.03 -5.10 -3.78
CA ALA A 32 -4.09 -5.13 -2.79
C ALA A 32 -4.42 -6.56 -2.36
N GLN A 33 -4.45 -7.52 -3.30
CA GLN A 33 -4.64 -8.94 -3.01
C GLN A 33 -3.48 -9.55 -2.20
N LEU A 34 -2.23 -9.19 -2.49
CA LEU A 34 -1.07 -9.62 -1.70
C LEU A 34 -1.16 -9.16 -0.23
N TYR A 35 -1.71 -7.97 0.04
CA TYR A 35 -2.02 -7.54 1.41
C TYR A 35 -3.29 -8.20 1.96
N GLU A 36 -4.40 -8.23 1.23
CA GLU A 36 -5.64 -8.86 1.67
C GLU A 36 -5.50 -10.38 1.92
N ASP A 37 -4.45 -11.01 1.38
CA ASP A 37 -4.05 -12.39 1.69
C ASP A 37 -3.65 -12.60 3.16
N PHE A 38 -2.70 -11.80 3.68
CA PHE A 38 -2.18 -11.92 5.06
C PHE A 38 -1.29 -10.74 5.56
N LEU A 39 -1.41 -9.57 4.92
CA LEU A 39 -0.54 -8.40 5.08
C LEU A 39 0.93 -8.78 4.83
N PHE A 40 1.38 -8.70 3.57
CA PHE A 40 2.73 -9.07 3.12
C PHE A 40 3.79 -7.94 3.31
N PRO A 41 4.86 -8.13 4.12
CA PRO A 41 5.86 -7.09 4.37
C PRO A 41 7.02 -7.16 3.37
N ILE A 42 6.81 -6.62 2.16
CA ILE A 42 7.87 -6.56 1.13
C ILE A 42 8.73 -5.30 1.31
N ASP A 43 9.85 -5.24 0.58
CA ASP A 43 10.69 -4.05 0.49
C ASP A 43 10.36 -3.32 -0.83
N ILE A 44 10.10 -2.01 -0.78
CA ILE A 44 9.94 -1.18 -1.99
C ILE A 44 11.22 -1.19 -2.86
N SER A 45 12.40 -1.34 -2.27
CA SER A 45 13.65 -1.55 -3.01
C SER A 45 13.62 -2.82 -3.88
N LEU A 46 12.90 -3.87 -3.45
CA LEU A 46 12.60 -5.08 -4.23
C LEU A 46 11.41 -4.87 -5.18
N VAL A 47 10.37 -4.15 -4.78
CA VAL A 47 9.18 -3.95 -5.62
C VAL A 47 9.45 -3.03 -6.82
N LYS A 48 10.27 -1.99 -6.64
CA LYS A 48 10.68 -1.05 -7.70
C LYS A 48 11.44 -1.77 -8.82
N ARG A 49 12.43 -2.60 -8.47
CA ARG A 49 13.18 -3.40 -9.46
C ARG A 49 12.32 -4.45 -10.17
N GLU A 50 11.33 -5.04 -9.49
CA GLU A 50 10.38 -5.99 -10.09
C GLU A 50 9.35 -5.31 -11.02
N HIS A 51 8.91 -4.10 -10.68
CA HIS A 51 7.93 -3.29 -11.40
C HIS A 51 8.56 -1.95 -11.82
N ASP A 52 9.58 -2.06 -12.68
CA ASP A 52 10.27 -0.95 -13.35
C ASP A 52 9.66 -0.64 -14.74
N PHE A 53 8.50 -1.24 -15.05
CA PHE A 53 7.71 -1.03 -16.28
C PHE A 53 7.16 0.42 -16.41
N LEU A 54 7.12 1.16 -15.30
CA LEU A 54 6.59 2.51 -15.16
C LEU A 54 7.66 3.45 -14.54
N ASP A 55 7.42 4.76 -14.63
CA ASP A 55 8.36 5.78 -14.17
C ASP A 55 8.62 5.72 -12.65
N ARG A 56 9.73 6.32 -12.18
CA ARG A 56 10.00 6.47 -10.75
C ARG A 56 8.88 7.21 -10.00
N ASP A 57 8.18 8.14 -10.67
CA ASP A 57 7.02 8.83 -10.12
C ASP A 57 5.84 7.88 -9.82
N ALA A 58 5.62 6.89 -10.70
CA ALA A 58 4.65 5.82 -10.47
C ALA A 58 5.10 4.91 -9.32
N ILE A 59 6.41 4.60 -9.20
CA ILE A 59 6.91 3.90 -8.00
C ILE A 59 6.76 4.73 -6.73
N GLU A 60 6.98 6.04 -6.74
CA GLU A 60 6.82 6.89 -5.55
C GLU A 60 5.35 6.96 -5.09
N ALA A 61 4.42 6.97 -6.04
CA ALA A 61 2.98 6.89 -5.79
C ALA A 61 2.54 5.50 -5.32
N LEU A 62 2.98 4.44 -6.00
CA LEU A 62 2.72 3.03 -5.64
C LEU A 62 3.34 2.67 -4.28
N CYS A 63 4.58 3.12 -4.05
CA CYS A 63 5.26 3.09 -2.76
C CYS A 63 4.41 3.73 -1.68
N ARG A 64 3.58 4.74 -1.95
CA ARG A 64 2.71 5.29 -0.89
C ARG A 64 1.74 4.24 -0.35
N ARG A 65 1.05 3.51 -1.24
CA ARG A 65 0.15 2.42 -0.85
C ARG A 65 0.92 1.20 -0.39
N LEU A 66 1.87 0.70 -1.17
CA LEU A 66 2.68 -0.44 -0.77
C LEU A 66 3.44 -0.20 0.54
N ASN A 67 4.09 0.95 0.79
CA ASN A 67 4.65 1.29 2.11
C ASN A 67 3.58 1.17 3.19
N THR A 68 2.41 1.79 3.04
CA THR A 68 1.28 1.63 3.98
C THR A 68 0.92 0.16 4.22
N LEU A 69 0.80 -0.65 3.16
CA LEU A 69 0.47 -2.07 3.24
C LEU A 69 1.61 -2.91 3.88
N ASN A 70 2.85 -2.72 3.44
CA ASN A 70 4.08 -3.36 3.95
C ASN A 70 4.37 -2.97 5.41
N LYS A 71 4.03 -1.73 5.81
CA LYS A 71 4.10 -1.22 7.18
C LYS A 71 3.04 -1.89 8.05
N CYS A 72 1.78 -1.84 7.64
CA CYS A 72 0.69 -2.62 8.24
C CYS A 72 0.83 -4.15 8.05
N ALA A 73 1.92 -4.61 7.44
CA ALA A 73 2.30 -6.02 7.34
C ALA A 73 3.45 -6.41 8.30
N VAL A 74 4.29 -5.48 8.74
CA VAL A 74 5.26 -5.71 9.83
C VAL A 74 4.65 -5.42 11.22
N MET A 75 3.78 -4.41 11.35
CA MET A 75 3.16 -4.02 12.63
C MET A 75 1.87 -4.82 12.98
N LYS A 76 1.66 -5.99 12.36
CA LYS A 76 0.50 -6.88 12.58
C LYS A 76 0.93 -8.34 12.78
N MET A 1 -12.01 16.64 6.69
CA MET A 1 -10.58 16.28 6.47
C MET A 1 -9.66 17.29 7.16
N CYS A 2 -8.41 16.91 7.46
CA CYS A 2 -7.46 17.64 8.32
C CYS A 2 -8.00 17.84 9.77
N ARG A 3 -7.21 18.49 10.64
CA ARG A 3 -7.48 18.81 12.06
C ARG A 3 -8.12 17.68 12.89
N LYS A 4 -7.27 16.91 13.59
CA LYS A 4 -7.58 15.66 14.32
C LYS A 4 -7.98 14.53 13.37
N LYS A 5 -7.09 13.55 13.22
CA LYS A 5 -7.30 12.37 12.35
C LYS A 5 -8.53 11.56 12.80
N PRO A 6 -9.24 10.88 11.87
CA PRO A 6 -10.46 10.12 12.17
C PRO A 6 -10.16 8.79 12.88
N ASP A 7 -9.73 8.90 14.15
CA ASP A 7 -9.29 7.83 15.07
C ASP A 7 -8.09 7.04 14.55
N THR A 8 -6.88 7.28 15.08
CA THR A 8 -5.64 6.57 14.66
C THR A 8 -5.76 5.03 14.68
N MET A 9 -6.51 4.50 15.66
CA MET A 9 -6.82 3.06 15.80
C MET A 9 -7.65 2.51 14.63
N ILE A 10 -8.44 3.36 13.97
CA ILE A 10 -9.18 3.05 12.74
C ILE A 10 -8.37 3.46 11.52
N LEU A 11 -7.57 4.55 11.54
CA LEU A 11 -6.75 4.99 10.42
C LEU A 11 -5.87 3.84 9.86
N THR A 12 -5.29 3.02 10.74
CA THR A 12 -4.59 1.77 10.37
C THR A 12 -5.48 0.73 9.66
N GLN A 13 -6.76 0.59 10.04
CA GLN A 13 -7.74 -0.27 9.36
C GLN A 13 -8.26 0.32 8.05
N ILE A 14 -8.55 1.63 7.95
CA ILE A 14 -8.84 2.25 6.65
C ILE A 14 -7.63 2.14 5.74
N GLU A 15 -6.39 2.35 6.21
CA GLU A 15 -5.17 2.11 5.42
C GLU A 15 -5.05 0.68 4.83
N ALA A 16 -5.74 -0.32 5.38
CA ALA A 16 -5.89 -1.63 4.76
C ALA A 16 -6.93 -1.65 3.60
N LYS A 17 -8.12 -1.06 3.79
CA LYS A 17 -9.19 -1.01 2.76
C LYS A 17 -8.95 0.05 1.67
N GLU A 18 -8.42 1.21 2.04
CA GLU A 18 -8.00 2.28 1.15
C GLU A 18 -6.72 1.91 0.40
N ALA A 19 -5.92 0.94 0.85
CA ALA A 19 -4.94 0.33 -0.02
C ALA A 19 -5.61 -0.54 -1.09
N CYS A 20 -6.65 -1.32 -0.76
CA CYS A 20 -7.42 -2.02 -1.80
C CYS A 20 -8.06 -1.05 -2.78
N ASP A 21 -8.79 -0.05 -2.29
CA ASP A 21 -9.46 0.95 -3.14
C ASP A 21 -8.45 1.77 -3.97
N TRP A 22 -7.32 2.19 -3.38
CA TRP A 22 -6.26 2.92 -4.08
C TRP A 22 -5.54 2.03 -5.10
N LEU A 23 -5.04 0.86 -4.71
CA LEU A 23 -4.30 -0.03 -5.63
C LEU A 23 -5.18 -0.44 -6.81
N ARG A 24 -6.45 -0.79 -6.56
CA ARG A 24 -7.46 -1.03 -7.59
C ARG A 24 -7.66 0.19 -8.51
N ALA A 25 -7.94 1.37 -7.96
CA ALA A 25 -8.18 2.59 -8.73
C ALA A 25 -6.93 3.09 -9.51
N THR A 26 -5.74 2.86 -8.96
CA THR A 26 -4.44 3.17 -9.60
C THR A 26 -4.16 2.23 -10.78
N GLY A 27 -4.35 0.91 -10.61
CA GLY A 27 -4.20 -0.08 -11.70
C GLY A 27 -3.70 -1.47 -11.31
N PHE A 28 -3.79 -1.86 -10.04
CA PHE A 28 -3.12 -3.03 -9.46
C PHE A 28 -3.99 -3.78 -8.42
N PRO A 29 -5.13 -4.38 -8.81
CA PRO A 29 -6.00 -5.11 -7.87
C PRO A 29 -5.31 -6.35 -7.25
N GLN A 30 -4.19 -6.82 -7.81
CA GLN A 30 -3.35 -7.90 -7.27
C GLN A 30 -2.58 -7.53 -6.00
N TYR A 31 -1.97 -6.35 -5.90
CA TYR A 31 -1.17 -5.98 -4.72
C TYR A 31 -2.00 -5.93 -3.43
N ALA A 32 -3.23 -5.43 -3.54
CA ALA A 32 -4.20 -5.46 -2.46
C ALA A 32 -4.56 -6.89 -2.03
N GLN A 33 -4.58 -7.82 -2.99
CA GLN A 33 -4.84 -9.24 -2.76
C GLN A 33 -3.65 -9.97 -2.13
N LEU A 34 -2.41 -9.64 -2.51
CA LEU A 34 -1.18 -10.12 -1.87
C LEU A 34 -1.12 -9.74 -0.38
N TYR A 35 -1.62 -8.55 -0.03
CA TYR A 35 -1.83 -8.17 1.37
C TYR A 35 -3.04 -8.86 1.99
N GLU A 36 -4.23 -8.80 1.38
CA GLU A 36 -5.44 -9.46 1.91
C GLU A 36 -5.27 -10.99 2.11
N ASP A 37 -4.40 -11.64 1.35
CA ASP A 37 -4.02 -13.05 1.52
C ASP A 37 -3.48 -13.37 2.93
N PHE A 38 -2.46 -12.65 3.40
CA PHE A 38 -1.83 -12.91 4.72
C PHE A 38 -0.93 -11.77 5.25
N LEU A 39 -1.03 -10.57 4.68
CA LEU A 39 -0.13 -9.43 4.86
C LEU A 39 1.31 -9.80 4.44
N PHE A 40 1.67 -9.53 3.18
CA PHE A 40 2.99 -9.83 2.58
C PHE A 40 4.04 -8.71 2.79
N PRO A 41 5.16 -8.94 3.50
CA PRO A 41 6.20 -7.93 3.70
C PRO A 41 7.29 -7.98 2.62
N ILE A 42 7.00 -7.44 1.43
CA ILE A 42 7.99 -7.37 0.33
C ILE A 42 8.94 -6.18 0.51
N ASP A 43 10.00 -6.14 -0.29
CA ASP A 43 10.90 -5.01 -0.40
C ASP A 43 10.53 -4.14 -1.61
N ILE A 44 10.28 -2.85 -1.38
CA ILE A 44 10.11 -1.86 -2.46
C ILE A 44 11.31 -1.86 -3.41
N SER A 45 12.53 -2.18 -2.95
CA SER A 45 13.70 -2.33 -3.84
C SER A 45 13.53 -3.42 -4.91
N LEU A 46 12.72 -4.45 -4.64
CA LEU A 46 12.32 -5.47 -5.63
C LEU A 46 11.12 -4.99 -6.48
N VAL A 47 10.09 -4.42 -5.84
CA VAL A 47 8.88 -3.95 -6.54
C VAL A 47 9.15 -2.77 -7.49
N LYS A 48 10.10 -1.90 -7.14
CA LYS A 48 10.62 -0.82 -8.00
C LYS A 48 11.32 -1.39 -9.25
N ARG A 49 11.92 -2.58 -9.17
CA ARG A 49 12.44 -3.27 -10.35
C ARG A 49 11.32 -3.70 -11.32
N GLU A 50 10.15 -4.05 -10.79
CA GLU A 50 8.88 -4.20 -11.52
C GLU A 50 8.19 -2.86 -11.87
N HIS A 51 8.89 -1.72 -11.74
CA HIS A 51 8.46 -0.38 -12.17
C HIS A 51 9.40 0.24 -13.23
N ASP A 52 10.40 -0.50 -13.74
CA ASP A 52 11.35 -0.02 -14.77
C ASP A 52 10.69 0.70 -15.98
N PHE A 53 9.45 0.36 -16.32
CA PHE A 53 8.61 1.00 -17.35
C PHE A 53 7.67 2.11 -16.84
N LEU A 54 7.40 2.17 -15.54
CA LEU A 54 6.65 3.22 -14.85
C LEU A 54 7.55 4.45 -14.51
N ASP A 55 6.99 5.47 -13.87
CA ASP A 55 7.68 6.70 -13.45
C ASP A 55 8.12 6.65 -11.97
N ARG A 56 9.14 7.45 -11.60
CA ARG A 56 9.57 7.59 -10.19
C ARG A 56 8.41 7.97 -9.28
N ASP A 57 7.55 8.89 -9.72
CA ASP A 57 6.31 9.25 -9.03
C ASP A 57 5.31 8.08 -8.95
N ALA A 58 5.21 7.24 -9.97
CA ALA A 58 4.40 6.02 -9.92
C ALA A 58 4.90 5.06 -8.84
N ILE A 59 6.22 4.89 -8.68
CA ILE A 59 6.74 4.14 -7.51
C ILE A 59 6.51 4.87 -6.22
N GLU A 60 6.76 6.18 -6.08
CA GLU A 60 6.51 6.87 -4.80
C GLU A 60 5.04 6.82 -4.38
N ALA A 61 4.13 6.84 -5.35
CA ALA A 61 2.70 6.65 -5.17
C ALA A 61 2.35 5.20 -4.79
N LEU A 62 2.82 4.20 -5.55
CA LEU A 62 2.56 2.78 -5.30
C LEU A 62 3.21 2.34 -3.98
N CYS A 63 4.49 2.65 -3.78
CA CYS A 63 5.21 2.56 -2.52
C CYS A 63 4.46 3.22 -1.36
N ARG A 64 3.66 4.26 -1.54
CA ARG A 64 2.87 4.80 -0.42
C ARG A 64 1.92 3.77 0.17
N ARG A 65 1.17 3.05 -0.68
CA ARG A 65 0.33 1.92 -0.24
C ARG A 65 1.13 0.67 0.05
N LEU A 66 2.03 0.25 -0.83
CA LEU A 66 2.84 -0.94 -0.59
C LEU A 66 3.71 -0.80 0.66
N ASN A 67 4.35 0.33 0.96
CA ASN A 67 5.02 0.57 2.25
C ASN A 67 4.05 0.33 3.40
N THR A 68 2.87 0.94 3.39
CA THR A 68 1.82 0.68 4.39
C THR A 68 1.49 -0.80 4.54
N LEU A 69 1.27 -1.52 3.42
CA LEU A 69 0.95 -2.95 3.43
C LEU A 69 2.13 -3.82 3.88
N ASN A 70 3.32 -3.61 3.34
CA ASN A 70 4.56 -4.30 3.67
C ASN A 70 4.99 -4.05 5.12
N LYS A 71 4.77 -2.83 5.63
CA LYS A 71 4.96 -2.44 7.03
C LYS A 71 3.94 -3.16 7.89
N CYS A 72 2.64 -3.00 7.63
CA CYS A 72 1.58 -3.72 8.35
C CYS A 72 1.69 -5.25 8.27
N ALA A 73 2.43 -5.79 7.29
CA ALA A 73 2.81 -7.19 7.16
C ALA A 73 4.03 -7.62 8.00
N VAL A 74 4.93 -6.69 8.36
CA VAL A 74 6.10 -6.96 9.23
C VAL A 74 5.80 -6.60 10.69
N MET A 75 5.03 -5.53 10.93
CA MET A 75 4.57 -5.10 12.26
C MET A 75 3.28 -5.81 12.72
N LYS A 76 2.77 -6.77 11.94
CA LYS A 76 1.53 -7.54 12.18
C LYS A 76 1.39 -8.09 13.62
N MET A 1 2.15 15.11 15.07
CA MET A 1 1.46 15.37 13.78
C MET A 1 0.00 14.90 13.87
N CYS A 2 -0.91 15.79 14.28
CA CYS A 2 -2.33 15.55 14.62
C CYS A 2 -2.58 14.46 15.69
N ARG A 3 -3.15 14.85 16.83
CA ARG A 3 -3.49 13.98 17.97
C ARG A 3 -4.99 13.64 18.01
N LYS A 4 -5.33 12.51 18.65
CA LYS A 4 -6.68 11.88 18.69
C LYS A 4 -7.40 11.96 17.33
N LYS A 5 -6.80 11.32 16.31
CA LYS A 5 -7.34 11.24 14.94
C LYS A 5 -8.77 10.69 14.93
N PRO A 6 -9.67 11.22 14.07
CA PRO A 6 -11.06 10.79 14.03
C PRO A 6 -11.15 9.34 13.53
N ASP A 7 -11.60 8.44 14.40
CA ASP A 7 -11.72 6.99 14.16
C ASP A 7 -10.44 6.32 13.61
N THR A 8 -9.31 6.45 14.31
CA THR A 8 -8.01 5.85 13.91
C THR A 8 -8.06 4.33 13.67
N MET A 9 -8.89 3.59 14.43
CA MET A 9 -9.12 2.15 14.22
C MET A 9 -9.70 1.85 12.82
N ILE A 10 -10.61 2.71 12.36
CA ILE A 10 -11.19 2.63 11.01
C ILE A 10 -10.24 3.21 9.98
N LEU A 11 -9.44 4.26 10.28
CA LEU A 11 -8.43 4.81 9.35
C LEU A 11 -7.53 3.71 8.77
N THR A 12 -7.13 2.72 9.58
CA THR A 12 -6.43 1.50 9.13
C THR A 12 -7.25 0.63 8.15
N GLN A 13 -8.56 0.45 8.37
CA GLN A 13 -9.45 -0.27 7.44
C GLN A 13 -9.74 0.51 6.15
N ILE A 14 -9.99 1.82 6.20
CA ILE A 14 -10.08 2.63 4.97
C ILE A 14 -8.72 2.65 4.27
N GLU A 15 -7.57 2.67 4.94
CA GLU A 15 -6.27 2.53 4.25
C GLU A 15 -6.12 1.17 3.52
N ALA A 16 -6.75 0.09 3.99
CA ALA A 16 -6.89 -1.15 3.24
C ALA A 16 -7.74 -0.93 1.98
N LYS A 17 -9.00 -0.48 2.12
CA LYS A 17 -9.91 -0.29 0.98
C LYS A 17 -9.42 0.76 -0.02
N GLU A 18 -8.79 1.84 0.45
CA GLU A 18 -8.20 2.89 -0.37
C GLU A 18 -7.04 2.36 -1.17
N ALA A 19 -6.17 1.53 -0.59
CA ALA A 19 -5.18 0.85 -1.39
C ALA A 19 -5.83 -0.12 -2.38
N CYS A 20 -6.88 -0.87 -2.00
CA CYS A 20 -7.59 -1.72 -2.96
C CYS A 20 -8.16 -0.92 -4.13
N ASP A 21 -8.91 0.15 -3.87
CA ASP A 21 -9.50 1.02 -4.90
C ASP A 21 -8.44 1.80 -5.70
N TRP A 22 -7.39 2.31 -5.04
CA TRP A 22 -6.28 3.02 -5.66
C TRP A 22 -5.44 2.08 -6.54
N LEU A 23 -4.93 0.96 -6.00
CA LEU A 23 -4.13 -0.01 -6.74
C LEU A 23 -4.92 -0.55 -7.96
N ARG A 24 -6.21 -0.88 -7.78
CA ARG A 24 -7.13 -1.22 -8.87
C ARG A 24 -7.26 -0.11 -9.92
N ALA A 25 -7.63 1.11 -9.52
CA ALA A 25 -7.84 2.25 -10.43
C ALA A 25 -6.54 2.74 -11.11
N THR A 26 -5.39 2.59 -10.46
CA THR A 26 -4.04 2.90 -10.95
C THR A 26 -3.60 1.90 -12.02
N GLY A 27 -3.61 0.60 -11.72
CA GLY A 27 -3.19 -0.44 -12.69
C GLY A 27 -2.66 -1.76 -12.11
N PHE A 28 -2.93 -2.07 -10.84
CA PHE A 28 -2.31 -3.16 -10.08
C PHE A 28 -3.29 -3.89 -9.14
N PRO A 29 -4.34 -4.55 -9.67
CA PRO A 29 -5.31 -5.27 -8.83
C PRO A 29 -4.70 -6.44 -8.03
N GLN A 30 -3.48 -6.88 -8.37
CA GLN A 30 -2.70 -7.89 -7.64
C GLN A 30 -2.14 -7.37 -6.30
N TYR A 31 -1.59 -6.16 -6.21
CA TYR A 31 -0.99 -5.66 -4.97
C TYR A 31 -2.00 -5.54 -3.83
N ALA A 32 -3.22 -5.09 -4.17
CA ALA A 32 -4.37 -5.08 -3.29
C ALA A 32 -4.64 -6.50 -2.74
N GLN A 33 -4.63 -7.50 -3.63
CA GLN A 33 -4.82 -8.90 -3.27
C GLN A 33 -3.69 -9.47 -2.40
N LEU A 34 -2.43 -9.10 -2.65
CA LEU A 34 -1.29 -9.54 -1.84
C LEU A 34 -1.39 -9.05 -0.38
N TYR A 35 -1.96 -7.88 -0.14
CA TYR A 35 -2.31 -7.43 1.21
C TYR A 35 -3.60 -8.08 1.73
N GLU A 36 -4.68 -8.10 0.95
CA GLU A 36 -5.94 -8.74 1.37
C GLU A 36 -5.79 -10.27 1.65
N ASP A 37 -4.73 -10.90 1.14
CA ASP A 37 -4.31 -12.27 1.47
C ASP A 37 -3.97 -12.44 2.97
N PHE A 38 -3.03 -11.64 3.51
CA PHE A 38 -2.59 -11.74 4.92
C PHE A 38 -1.78 -10.54 5.46
N LEU A 39 -1.79 -9.40 4.76
CA LEU A 39 -0.92 -8.25 4.94
C LEU A 39 0.57 -8.67 4.73
N PHE A 40 1.07 -8.51 3.49
CA PHE A 40 2.43 -8.90 3.06
C PHE A 40 3.47 -7.77 3.25
N PRO A 41 4.51 -7.92 4.10
CA PRO A 41 5.51 -6.87 4.33
C PRO A 41 6.69 -6.99 3.35
N ILE A 42 6.52 -6.48 2.14
CA ILE A 42 7.60 -6.44 1.13
C ILE A 42 8.47 -5.20 1.30
N ASP A 43 9.61 -5.17 0.61
CA ASP A 43 10.45 -3.98 0.51
C ASP A 43 10.18 -3.30 -0.84
N ILE A 44 9.89 -1.99 -0.83
CA ILE A 44 9.80 -1.16 -2.04
C ILE A 44 11.06 -1.28 -2.89
N SER A 45 12.24 -1.47 -2.27
CA SER A 45 13.48 -1.76 -2.98
C SER A 45 13.33 -2.99 -3.87
N LEU A 46 12.93 -4.14 -3.30
CA LEU A 46 12.62 -5.37 -4.05
C LEU A 46 11.53 -5.14 -5.09
N VAL A 47 10.45 -4.41 -4.75
CA VAL A 47 9.32 -4.22 -5.68
C VAL A 47 9.71 -3.38 -6.90
N LYS A 48 10.47 -2.31 -6.69
CA LYS A 48 11.02 -1.43 -7.73
C LYS A 48 12.04 -2.18 -8.61
N ARG A 49 12.92 -2.98 -8.00
CA ARG A 49 13.89 -3.83 -8.72
C ARG A 49 13.21 -4.90 -9.57
N GLU A 50 12.13 -5.51 -9.05
CA GLU A 50 11.30 -6.49 -9.77
C GLU A 50 10.47 -5.85 -10.91
N HIS A 51 9.98 -4.63 -10.74
CA HIS A 51 9.27 -3.90 -11.80
C HIS A 51 10.23 -3.28 -12.82
N ASP A 52 10.95 -2.21 -12.46
CA ASP A 52 11.78 -1.29 -13.26
C ASP A 52 11.15 -0.65 -14.53
N PHE A 53 10.16 -1.31 -15.13
CA PHE A 53 9.40 -0.94 -16.32
C PHE A 53 8.57 0.33 -16.15
N LEU A 54 8.01 0.51 -14.95
CA LEU A 54 7.29 1.71 -14.51
C LEU A 54 8.27 2.90 -14.33
N ASP A 55 7.75 4.11 -14.16
CA ASP A 55 8.58 5.28 -13.81
C ASP A 55 8.91 5.34 -12.31
N ARG A 56 9.92 6.13 -11.95
CA ARG A 56 10.20 6.56 -10.56
C ARG A 56 8.98 7.18 -9.87
N ASP A 57 8.18 7.94 -10.63
CA ASP A 57 6.95 8.58 -10.14
C ASP A 57 5.84 7.55 -9.91
N ALA A 58 5.73 6.55 -10.79
CA ALA A 58 4.84 5.41 -10.60
C ALA A 58 5.25 4.60 -9.37
N ILE A 59 6.53 4.29 -9.17
CA ILE A 59 7.02 3.65 -7.93
C ILE A 59 6.81 4.54 -6.70
N GLU A 60 7.00 5.86 -6.75
CA GLU A 60 6.72 6.74 -5.60
C GLU A 60 5.22 6.82 -5.25
N ALA A 61 4.35 6.87 -6.25
CA ALA A 61 2.90 6.87 -6.08
C ALA A 61 2.38 5.50 -5.58
N LEU A 62 2.86 4.41 -6.20
CA LEU A 62 2.61 3.02 -5.78
C LEU A 62 3.16 2.79 -4.38
N CYS A 63 4.40 3.19 -4.10
CA CYS A 63 5.01 3.19 -2.78
C CYS A 63 4.15 3.91 -1.75
N ARG A 64 3.34 4.92 -2.08
CA ARG A 64 2.42 5.50 -1.10
C ARG A 64 1.43 4.46 -0.54
N ARG A 65 0.79 3.69 -1.42
CA ARG A 65 -0.11 2.59 -1.02
C ARG A 65 0.66 1.37 -0.55
N LEU A 66 1.62 0.89 -1.34
CA LEU A 66 2.44 -0.26 -0.98
C LEU A 66 3.19 -0.05 0.34
N ASN A 67 3.82 1.09 0.62
CA ASN A 67 4.38 1.40 1.95
C ASN A 67 3.30 1.26 3.03
N THR A 68 2.14 1.90 2.87
CA THR A 68 0.99 1.70 3.79
C THR A 68 0.67 0.22 3.99
N LEU A 69 0.57 -0.58 2.92
CA LEU A 69 0.27 -2.01 2.99
C LEU A 69 1.41 -2.84 3.62
N ASN A 70 2.66 -2.62 3.22
CA ASN A 70 3.86 -3.27 3.71
C ASN A 70 4.16 -2.92 5.18
N LYS A 71 3.87 -1.68 5.57
CA LYS A 71 3.97 -1.15 6.93
C LYS A 71 2.88 -1.74 7.80
N CYS A 72 1.61 -1.63 7.42
CA CYS A 72 0.52 -2.33 8.10
C CYS A 72 0.67 -3.87 8.07
N ALA A 73 1.49 -4.42 7.18
CA ALA A 73 1.87 -5.83 7.20
C ALA A 73 2.98 -6.20 8.21
N VAL A 74 3.76 -5.23 8.71
CA VAL A 74 4.82 -5.39 9.71
C VAL A 74 4.39 -4.88 11.09
N MET A 75 3.53 -3.87 11.15
CA MET A 75 3.09 -3.15 12.36
C MET A 75 1.56 -3.01 12.50
N LYS A 76 0.80 -3.88 11.81
CA LYS A 76 -0.67 -4.04 11.74
C LYS A 76 -1.48 -2.88 11.13
N MET A 1 -8.05 16.87 29.91
CA MET A 1 -9.49 17.19 30.06
C MET A 1 -10.32 16.40 29.03
N CYS A 2 -10.24 16.71 27.73
CA CYS A 2 -10.77 15.87 26.64
C CYS A 2 -9.87 14.65 26.35
N ARG A 3 -10.42 13.62 25.67
CA ARG A 3 -9.71 12.38 25.30
C ARG A 3 -10.30 11.70 24.04
N LYS A 4 -10.62 12.50 23.01
CA LYS A 4 -11.38 12.11 21.81
C LYS A 4 -10.57 12.39 20.53
N LYS A 5 -9.72 11.43 20.13
CA LYS A 5 -8.93 11.49 18.89
C LYS A 5 -9.82 11.61 17.63
N PRO A 6 -9.35 12.20 16.52
CA PRO A 6 -10.06 12.20 15.24
C PRO A 6 -10.09 10.80 14.59
N ASP A 7 -10.69 10.66 13.40
CA ASP A 7 -10.82 9.41 12.62
C ASP A 7 -9.48 8.88 12.02
N THR A 8 -8.37 9.06 12.74
CA THR A 8 -7.00 8.74 12.31
C THR A 8 -6.67 7.24 12.39
N MET A 9 -7.20 6.52 13.38
CA MET A 9 -7.08 5.06 13.51
C MET A 9 -7.71 4.35 12.31
N ILE A 10 -8.86 4.85 11.85
CA ILE A 10 -9.53 4.34 10.65
C ILE A 10 -8.78 4.77 9.38
N LEU A 11 -8.09 5.92 9.33
CA LEU A 11 -7.28 6.33 8.17
C LEU A 11 -6.31 5.21 7.71
N THR A 12 -5.71 4.48 8.66
CA THR A 12 -4.91 3.26 8.38
C THR A 12 -5.72 2.11 7.74
N GLN A 13 -6.97 1.86 8.18
CA GLN A 13 -7.87 0.88 7.56
C GLN A 13 -8.44 1.32 6.20
N ILE A 14 -8.82 2.60 6.03
CA ILE A 14 -9.18 3.09 4.68
C ILE A 14 -7.96 3.03 3.76
N GLU A 15 -6.75 3.37 4.19
CA GLU A 15 -5.54 3.20 3.36
C GLU A 15 -5.31 1.75 2.89
N ALA A 16 -5.80 0.73 3.61
CA ALA A 16 -5.82 -0.65 3.16
C ALA A 16 -6.84 -0.90 2.02
N LYS A 17 -8.09 -0.43 2.14
CA LYS A 17 -9.12 -0.60 1.08
C LYS A 17 -8.92 0.34 -0.12
N GLU A 18 -8.46 1.57 0.13
CA GLU A 18 -8.07 2.54 -0.88
C GLU A 18 -6.86 2.04 -1.67
N ALA A 19 -5.97 1.24 -1.08
CA ALA A 19 -4.97 0.58 -1.89
C ALA A 19 -5.60 -0.44 -2.85
N CYS A 20 -6.61 -1.22 -2.45
CA CYS A 20 -7.32 -2.08 -3.42
C CYS A 20 -7.93 -1.27 -4.57
N ASP A 21 -8.64 -0.17 -4.27
CA ASP A 21 -9.16 0.77 -5.28
C ASP A 21 -8.04 1.42 -6.13
N TRP A 22 -6.97 1.90 -5.50
CA TRP A 22 -5.85 2.60 -6.14
C TRP A 22 -5.04 1.67 -7.03
N LEU A 23 -4.57 0.52 -6.52
CA LEU A 23 -3.85 -0.48 -7.29
C LEU A 23 -4.68 -0.94 -8.50
N ARG A 24 -5.99 -1.20 -8.32
CA ARG A 24 -6.93 -1.55 -9.40
C ARG A 24 -7.08 -0.43 -10.44
N ALA A 25 -7.31 0.81 -10.01
CA ALA A 25 -7.46 1.98 -10.88
C ALA A 25 -6.16 2.39 -11.59
N THR A 26 -5.00 2.14 -10.97
CA THR A 26 -3.65 2.37 -11.51
C THR A 26 -3.28 1.34 -12.58
N GLY A 27 -3.35 0.04 -12.27
CA GLY A 27 -2.99 -1.03 -13.22
C GLY A 27 -2.48 -2.36 -12.66
N PHE A 28 -2.70 -2.66 -11.37
CA PHE A 28 -2.07 -3.78 -10.64
C PHE A 28 -3.04 -4.50 -9.69
N PRO A 29 -4.08 -5.19 -10.19
CA PRO A 29 -5.02 -5.92 -9.34
C PRO A 29 -4.36 -7.03 -8.48
N GLN A 30 -3.14 -7.45 -8.83
CA GLN A 30 -2.31 -8.39 -8.05
C GLN A 30 -1.71 -7.77 -6.77
N TYR A 31 -1.22 -6.53 -6.77
CA TYR A 31 -0.58 -5.94 -5.58
C TYR A 31 -1.55 -5.75 -4.41
N ALA A 32 -2.79 -5.37 -4.71
CA ALA A 32 -3.88 -5.39 -3.75
C ALA A 32 -4.13 -6.79 -3.18
N GLN A 33 -4.13 -7.81 -4.04
CA GLN A 33 -4.39 -9.20 -3.66
C GLN A 33 -3.27 -9.81 -2.81
N LEU A 34 -2.00 -9.47 -3.08
CA LEU A 34 -0.84 -9.84 -2.26
C LEU A 34 -0.93 -9.28 -0.82
N TYR A 35 -1.53 -8.10 -0.65
CA TYR A 35 -1.84 -7.56 0.67
C TYR A 35 -3.10 -8.18 1.29
N GLU A 36 -4.20 -8.31 0.53
CA GLU A 36 -5.44 -8.95 1.00
C GLU A 36 -5.23 -10.44 1.38
N ASP A 37 -4.19 -11.09 0.86
CA ASP A 37 -3.74 -12.44 1.22
C ASP A 37 -3.40 -12.56 2.72
N PHE A 38 -2.46 -11.74 3.23
CA PHE A 38 -1.99 -11.78 4.62
C PHE A 38 -1.12 -10.58 5.06
N LEU A 39 -1.24 -9.43 4.40
CA LEU A 39 -0.37 -8.26 4.50
C LEU A 39 1.11 -8.65 4.26
N PHE A 40 1.55 -8.65 2.99
CA PHE A 40 2.91 -9.02 2.56
C PHE A 40 3.96 -7.91 2.74
N PRO A 41 5.04 -8.09 3.54
CA PRO A 41 6.05 -7.07 3.78
C PRO A 41 7.23 -7.18 2.78
N ILE A 42 7.03 -6.69 1.56
CA ILE A 42 8.10 -6.67 0.53
C ILE A 42 8.99 -5.43 0.68
N ASP A 43 10.13 -5.45 -0.01
CA ASP A 43 10.98 -4.27 -0.20
C ASP A 43 10.62 -3.58 -1.52
N ILE A 44 10.32 -2.27 -1.49
CA ILE A 44 10.17 -1.45 -2.71
C ILE A 44 11.39 -1.56 -3.63
N SER A 45 12.59 -1.75 -3.08
CA SER A 45 13.80 -2.00 -3.89
C SER A 45 13.68 -3.27 -4.74
N LEU A 46 13.18 -4.38 -4.17
CA LEU A 46 12.90 -5.60 -4.94
C LEU A 46 11.74 -5.38 -5.91
N VAL A 47 10.65 -4.73 -5.47
CA VAL A 47 9.46 -4.52 -6.31
C VAL A 47 9.77 -3.66 -7.53
N LYS A 48 10.56 -2.60 -7.37
CA LYS A 48 11.02 -1.72 -8.45
C LYS A 48 11.86 -2.50 -9.47
N ARG A 49 12.78 -3.35 -8.99
CA ARG A 49 13.61 -4.23 -9.82
C ARG A 49 12.82 -5.35 -10.51
N GLU A 50 11.73 -5.83 -9.90
CA GLU A 50 10.80 -6.81 -10.48
C GLU A 50 9.84 -6.18 -11.50
N HIS A 51 9.39 -4.94 -11.28
CA HIS A 51 8.56 -4.21 -12.23
C HIS A 51 9.39 -3.82 -13.47
N ASP A 52 10.50 -3.09 -13.27
CA ASP A 52 11.39 -2.45 -14.27
C ASP A 52 10.80 -2.18 -15.69
N PHE A 53 9.63 -1.53 -15.75
CA PHE A 53 8.78 -1.44 -16.96
C PHE A 53 8.16 -0.05 -17.19
N LEU A 54 7.67 0.57 -16.11
CA LEU A 54 7.02 1.88 -16.07
C LEU A 54 8.09 2.98 -15.89
N ASP A 55 7.67 4.21 -15.60
CA ASP A 55 8.55 5.31 -15.17
C ASP A 55 9.00 5.16 -13.70
N ARG A 56 10.07 5.85 -13.29
CA ARG A 56 10.43 6.04 -11.87
C ARG A 56 9.29 6.66 -11.05
N ASP A 57 8.55 7.60 -11.66
CA ASP A 57 7.38 8.25 -11.06
C ASP A 57 6.23 7.24 -10.80
N ALA A 58 6.04 6.26 -11.69
CA ALA A 58 5.07 5.20 -11.50
C ALA A 58 5.44 4.31 -10.30
N ILE A 59 6.73 3.97 -10.11
CA ILE A 59 7.18 3.34 -8.86
C ILE A 59 7.01 4.27 -7.66
N GLU A 60 7.33 5.55 -7.72
CA GLU A 60 7.13 6.47 -6.57
C GLU A 60 5.64 6.58 -6.17
N ALA A 61 4.73 6.55 -7.14
CA ALA A 61 3.28 6.53 -6.92
C ALA A 61 2.78 5.17 -6.38
N LEU A 62 3.19 4.06 -7.00
CA LEU A 62 2.90 2.69 -6.55
C LEU A 62 3.46 2.44 -5.14
N CYS A 63 4.72 2.78 -4.92
CA CYS A 63 5.40 2.81 -3.64
C CYS A 63 4.57 3.55 -2.59
N ARG A 64 3.78 4.57 -2.90
CA ARG A 64 2.94 5.20 -1.88
C ARG A 64 1.95 4.22 -1.23
N ARG A 65 1.22 3.45 -2.04
CA ARG A 65 0.26 2.42 -1.58
C ARG A 65 0.96 1.15 -1.15
N LEU A 66 1.94 0.69 -1.93
CA LEU A 66 2.71 -0.49 -1.59
C LEU A 66 3.51 -0.30 -0.30
N ASN A 67 4.21 0.82 -0.07
CA ASN A 67 4.82 1.14 1.23
C ASN A 67 3.78 1.14 2.35
N THR A 68 2.61 1.78 2.18
CA THR A 68 1.51 1.73 3.15
C THR A 68 1.10 0.29 3.50
N LEU A 69 0.98 -0.57 2.50
CA LEU A 69 0.64 -1.99 2.63
C LEU A 69 1.78 -2.80 3.27
N ASN A 70 3.00 -2.67 2.77
CA ASN A 70 4.25 -3.27 3.26
C ASN A 70 4.59 -2.82 4.70
N LYS A 71 4.21 -1.59 5.08
CA LYS A 71 4.36 -1.01 6.42
C LYS A 71 3.39 -1.67 7.40
N CYS A 72 2.09 -1.70 7.08
CA CYS A 72 1.13 -2.46 7.88
C CYS A 72 1.44 -3.97 7.91
N ALA A 73 2.04 -4.50 6.84
CA ALA A 73 2.51 -5.88 6.75
C ALA A 73 3.63 -6.25 7.74
N VAL A 74 4.53 -5.31 8.09
CA VAL A 74 5.46 -5.50 9.23
C VAL A 74 4.84 -5.07 10.57
N MET A 75 4.00 -4.02 10.58
CA MET A 75 3.33 -3.44 11.76
C MET A 75 1.87 -3.96 11.93
N LYS A 76 1.70 -5.28 11.82
CA LYS A 76 0.49 -6.09 12.11
C LYS A 76 -0.59 -6.10 11.01
N MET A 1 -2.66 8.64 18.53
CA MET A 1 -3.72 7.90 19.28
C MET A 1 -3.44 7.93 20.79
N CYS A 2 -4.34 8.49 21.61
CA CYS A 2 -4.22 8.55 23.09
C CYS A 2 -5.60 8.48 23.80
N ARG A 3 -6.47 9.46 23.61
CA ARG A 3 -7.85 9.56 24.17
C ARG A 3 -8.90 9.93 23.10
N LYS A 4 -8.70 11.03 22.39
CA LYS A 4 -9.66 11.67 21.46
C LYS A 4 -9.03 11.84 20.07
N LYS A 5 -8.61 10.74 19.46
CA LYS A 5 -8.04 10.67 18.11
C LYS A 5 -8.96 11.32 17.06
N PRO A 6 -8.45 12.04 16.06
CA PRO A 6 -9.24 12.51 14.91
C PRO A 6 -9.57 11.36 13.94
N ASP A 7 -10.19 11.65 12.81
CA ASP A 7 -10.46 10.73 11.68
C ASP A 7 -9.19 10.05 11.11
N THR A 8 -7.98 10.45 11.52
CA THR A 8 -6.69 9.79 11.17
C THR A 8 -6.68 8.27 11.42
N MET A 9 -7.37 7.81 12.47
CA MET A 9 -7.56 6.39 12.78
C MET A 9 -8.30 5.65 11.66
N ILE A 10 -9.32 6.30 11.09
CA ILE A 10 -10.02 5.86 9.87
C ILE A 10 -9.16 6.11 8.63
N LEU A 11 -8.38 7.19 8.53
CA LEU A 11 -7.51 7.47 7.38
C LEU A 11 -6.58 6.28 7.06
N THR A 12 -5.98 5.66 8.07
CA THR A 12 -5.24 4.39 7.97
C THR A 12 -6.06 3.20 7.44
N GLN A 13 -7.35 3.09 7.81
CA GLN A 13 -8.31 2.10 7.29
C GLN A 13 -8.71 2.38 5.83
N ILE A 14 -9.04 3.63 5.47
CA ILE A 14 -9.37 3.95 4.07
C ILE A 14 -8.13 3.70 3.20
N GLU A 15 -6.92 4.04 3.65
CA GLU A 15 -5.69 3.69 2.97
C GLU A 15 -5.45 2.17 2.77
N ALA A 16 -6.23 1.27 3.40
CA ALA A 16 -6.28 -0.15 3.07
C ALA A 16 -7.31 -0.50 1.97
N LYS A 17 -8.56 0.02 2.02
CA LYS A 17 -9.61 -0.23 1.01
C LYS A 17 -9.45 0.58 -0.29
N GLU A 18 -9.03 1.83 -0.17
CA GLU A 18 -8.69 2.72 -1.29
C GLU A 18 -7.30 2.39 -1.86
N ALA A 19 -6.46 1.61 -1.17
CA ALA A 19 -5.41 0.88 -1.84
C ALA A 19 -5.98 -0.22 -2.75
N CYS A 20 -7.00 -0.99 -2.33
CA CYS A 20 -7.64 -1.91 -3.27
C CYS A 20 -8.23 -1.20 -4.50
N ASP A 21 -8.97 -0.10 -4.31
CA ASP A 21 -9.46 0.70 -5.42
C ASP A 21 -8.33 1.33 -6.27
N TRP A 22 -7.30 1.90 -5.62
CA TRP A 22 -6.17 2.54 -6.32
C TRP A 22 -5.31 1.53 -7.09
N LEU A 23 -4.85 0.44 -6.44
CA LEU A 23 -4.05 -0.61 -7.09
C LEU A 23 -4.83 -1.18 -8.31
N ARG A 24 -6.13 -1.48 -8.16
CA ARG A 24 -6.99 -1.99 -9.22
C ARG A 24 -7.19 -1.01 -10.39
N ALA A 25 -7.43 0.27 -10.08
CA ALA A 25 -7.59 1.35 -11.07
C ALA A 25 -6.27 1.71 -11.79
N THR A 26 -5.14 1.63 -11.09
CA THR A 26 -3.76 1.83 -11.58
C THR A 26 -3.35 0.69 -12.53
N GLY A 27 -3.59 -0.59 -12.18
CA GLY A 27 -3.36 -1.73 -13.06
C GLY A 27 -2.91 -3.05 -12.38
N PHE A 28 -3.12 -3.22 -11.07
CA PHE A 28 -2.48 -4.24 -10.24
C PHE A 28 -3.40 -4.85 -9.17
N PRO A 29 -4.53 -5.50 -9.54
CA PRO A 29 -5.47 -6.07 -8.57
C PRO A 29 -4.84 -7.13 -7.62
N GLN A 30 -3.69 -7.71 -7.97
CA GLN A 30 -2.87 -8.63 -7.16
C GLN A 30 -2.26 -7.98 -5.92
N TYR A 31 -1.73 -6.77 -5.98
CA TYR A 31 -1.02 -6.13 -4.86
C TYR A 31 -1.97 -5.86 -3.66
N ALA A 32 -3.20 -5.41 -3.94
CA ALA A 32 -4.23 -5.31 -2.94
C ALA A 32 -4.60 -6.68 -2.33
N GLN A 33 -4.65 -7.72 -3.15
CA GLN A 33 -4.95 -9.09 -2.74
C GLN A 33 -3.87 -9.72 -1.86
N LEU A 34 -2.60 -9.40 -2.09
CA LEU A 34 -1.44 -9.73 -1.26
C LEU A 34 -1.56 -9.12 0.16
N TYR A 35 -2.07 -7.89 0.27
CA TYR A 35 -2.39 -7.27 1.56
C TYR A 35 -3.67 -7.84 2.20
N GLU A 36 -4.75 -8.01 1.44
CA GLU A 36 -5.99 -8.64 1.93
C GLU A 36 -5.77 -10.10 2.38
N ASP A 37 -4.71 -10.78 1.93
CA ASP A 37 -4.30 -12.10 2.39
C ASP A 37 -3.98 -12.12 3.90
N PHE A 38 -3.04 -11.29 4.35
CA PHE A 38 -2.58 -11.18 5.75
C PHE A 38 -1.73 -9.96 6.11
N LEU A 39 -1.79 -8.87 5.33
CA LEU A 39 -0.91 -7.68 5.36
C LEU A 39 0.56 -8.12 5.14
N PHE A 40 0.99 -8.22 3.89
CA PHE A 40 2.36 -8.58 3.47
C PHE A 40 3.43 -7.46 3.61
N PRO A 41 4.51 -7.61 4.41
CA PRO A 41 5.52 -6.57 4.56
C PRO A 41 6.68 -6.77 3.58
N ILE A 42 6.50 -6.39 2.31
CA ILE A 42 7.55 -6.49 1.28
C ILE A 42 8.47 -5.26 1.35
N ASP A 43 9.64 -5.37 0.72
CA ASP A 43 10.52 -4.23 0.47
C ASP A 43 10.16 -3.57 -0.87
N ILE A 44 9.98 -2.24 -0.90
CA ILE A 44 9.83 -1.48 -2.16
C ILE A 44 11.04 -1.75 -3.08
N SER A 45 12.27 -1.88 -2.56
CA SER A 45 13.45 -2.24 -3.33
C SER A 45 13.28 -3.53 -4.15
N LEU A 46 12.53 -4.52 -3.65
CA LEU A 46 12.27 -5.79 -4.33
C LEU A 46 11.32 -5.58 -5.52
N VAL A 47 10.13 -5.02 -5.29
CA VAL A 47 9.14 -4.76 -6.35
C VAL A 47 9.63 -3.74 -7.38
N LYS A 48 10.39 -2.72 -6.94
CA LYS A 48 11.04 -1.72 -7.81
C LYS A 48 12.03 -2.39 -8.77
N ARG A 49 12.78 -3.40 -8.31
CA ARG A 49 13.67 -4.21 -9.15
C ARG A 49 12.92 -5.03 -10.21
N GLU A 50 11.78 -5.62 -9.87
CA GLU A 50 10.97 -6.39 -10.81
C GLU A 50 10.16 -5.52 -11.80
N HIS A 51 9.70 -4.35 -11.36
CA HIS A 51 8.98 -3.33 -12.14
C HIS A 51 9.88 -2.19 -12.62
N ASP A 52 11.17 -2.44 -12.84
CA ASP A 52 12.13 -1.51 -13.43
C ASP A 52 11.74 -1.01 -14.84
N PHE A 53 10.82 -1.72 -15.50
CA PHE A 53 10.16 -1.32 -16.75
C PHE A 53 9.43 0.04 -16.62
N LEU A 54 8.73 0.26 -15.50
CA LEU A 54 8.01 1.49 -15.19
C LEU A 54 8.97 2.62 -14.81
N ASP A 55 8.56 3.87 -14.93
CA ASP A 55 9.34 5.03 -14.47
C ASP A 55 9.41 5.10 -12.94
N ARG A 56 10.39 5.83 -12.41
CA ARG A 56 10.47 6.21 -10.98
C ARG A 56 9.21 6.91 -10.46
N ASP A 57 8.48 7.66 -11.30
CA ASP A 57 7.21 8.29 -10.96
C ASP A 57 6.09 7.25 -10.77
N ALA A 58 6.00 6.26 -11.66
CA ALA A 58 5.07 5.16 -11.52
C ALA A 58 5.42 4.27 -10.30
N ILE A 59 6.70 4.02 -10.05
CA ILE A 59 7.15 3.33 -8.85
C ILE A 59 6.88 4.15 -7.58
N GLU A 60 7.04 5.48 -7.57
CA GLU A 60 6.71 6.34 -6.43
C GLU A 60 5.19 6.35 -6.15
N ALA A 61 4.37 6.41 -7.20
CA ALA A 61 2.90 6.34 -7.10
C ALA A 61 2.44 4.96 -6.58
N LEU A 62 2.98 3.87 -7.12
CA LEU A 62 2.70 2.51 -6.66
C LEU A 62 3.20 2.33 -5.22
N CYS A 63 4.46 2.70 -4.95
CA CYS A 63 5.08 2.78 -3.64
C CYS A 63 4.22 3.54 -2.64
N ARG A 64 3.49 4.60 -3.01
CA ARG A 64 2.60 5.29 -2.06
C ARG A 64 1.59 4.33 -1.41
N ARG A 65 0.91 3.49 -2.20
CA ARG A 65 0.00 2.46 -1.67
C ARG A 65 0.71 1.21 -1.16
N LEU A 66 1.75 0.73 -1.84
CA LEU A 66 2.50 -0.43 -1.37
C LEU A 66 3.23 -0.16 -0.06
N ASN A 67 3.96 0.95 0.08
CA ASN A 67 4.53 1.40 1.36
C ASN A 67 3.47 1.49 2.44
N THR A 68 2.31 2.08 2.18
CA THR A 68 1.17 2.10 3.12
C THR A 68 0.75 0.67 3.54
N LEU A 69 0.58 -0.26 2.61
CA LEU A 69 0.24 -1.67 2.85
C LEU A 69 1.35 -2.44 3.60
N ASN A 70 2.60 -2.28 3.17
CA ASN A 70 3.84 -2.84 3.72
C ASN A 70 4.15 -2.31 5.12
N LYS A 71 3.81 -1.04 5.38
CA LYS A 71 3.93 -0.34 6.67
C LYS A 71 2.87 -0.82 7.65
N CYS A 72 1.60 -0.88 7.27
CA CYS A 72 0.57 -1.55 8.06
C CYS A 72 0.84 -3.06 8.24
N ALA A 73 1.56 -3.70 7.33
CA ALA A 73 2.01 -5.08 7.44
C ALA A 73 3.09 -5.32 8.51
N VAL A 74 3.94 -4.34 8.84
CA VAL A 74 4.88 -4.40 9.98
C VAL A 74 4.32 -3.74 11.24
N MET A 75 3.48 -2.71 11.09
CA MET A 75 2.87 -1.90 12.17
C MET A 75 1.45 -2.37 12.53
N LYS A 76 1.08 -3.63 12.28
CA LYS A 76 -0.15 -4.37 12.64
C LYS A 76 -1.46 -3.98 11.95
#